data_2Y90
# 
_entry.id   2Y90 
# 
_audit_conform.dict_name       mmcif_pdbx.dic 
_audit_conform.dict_version    5.383 
_audit_conform.dict_location   http://mmcif.pdb.org/dictionaries/ascii/mmcif_pdbx.dic 
# 
loop_
_database_2.database_id 
_database_2.database_code 
_database_2.pdbx_database_accession 
_database_2.pdbx_DOI 
PDB   2Y90         pdb_00002y90 10.2210/pdb2y90/pdb 
PDBE  EBI-47347    ?            ?                   
WWPDB D_1290047347 ?            ?                   
# 
loop_
_pdbx_database_related.db_name 
_pdbx_database_related.db_id 
_pdbx_database_related.content_type 
_pdbx_database_related.details 
PDB 1M7C unspecified 'STUCTURAL MODEL OF E. COLI HFQ'                             
PDB 1OOU unspecified 'STRUCTURAL MODELLING OF E. COLI HFQ'                        
PDB 1HK9 unspecified 'CRYSTAL STRUCTURE OF THE HFQ PROTEIN FROM ESCHERICHIA COLI' 
PDB 1OOV unspecified 'COMPLEX OF E. COLI HFQ WITH A RA7 OLIGONUCLEOTIDE'          
# 
_pdbx_database_status.status_code                     REL 
_pdbx_database_status.entry_id                        2Y90 
_pdbx_database_status.deposit_site                    PDBE 
_pdbx_database_status.process_site                    PDBE 
_pdbx_database_status.SG_entry                        . 
_pdbx_database_status.recvd_initial_deposition_date   2011-02-11 
_pdbx_database_status.pdb_format_compatible           Y 
_pdbx_database_status.status_code_sf                  REL 
_pdbx_database_status.status_code_mr                  ? 
_pdbx_database_status.status_code_cs                  ? 
_pdbx_database_status.methods_development_category    ? 
_pdbx_database_status.status_code_nmr_data            ? 
# 
loop_
_audit_author.name 
_audit_author.pdbx_ordinal 
'Basquin, J.' 1 
'Sauter, C.'  2 
# 
loop_
_citation.id 
_citation.title 
_citation.journal_abbrev 
_citation.journal_volume 
_citation.page_first 
_citation.page_last 
_citation.year 
_citation.journal_id_ASTM 
_citation.country 
_citation.journal_id_ISSN 
_citation.journal_id_CSD 
_citation.book_publisher 
_citation.pdbx_database_id_PubMed 
_citation.pdbx_database_id_DOI 
primary 'Exploiting Protein Engineering and Crystal Polymorphism for Successful X-Ray Structure Determination' 
'Cryst. Growth Des.' 11 4334 ? 2011 ?      US 1528-7483 ?    ? ?        ? 
1       'Sm-Like Proteins in Eubacteria: The Crystal Structure of the Hfq Protein from Escherichia Coli.'      
'Nucleic Acids Res.' 31 4091 ? 2003 NARHAD UK 0305-1048 0389 ? 12853626 ? 
# 
loop_
_citation_author.citation_id 
_citation_author.name 
_citation_author.ordinal 
_citation_author.identifier_ORCID 
primary 'Bonnefond, L.'        1  ? 
primary 'Schellenberger, P.'   2  ? 
primary 'Basquin, J.'          3  ? 
primary 'Demangeat, G.'        4  ? 
primary 'Ritzenthaler, C.'     5  ? 
primary 'Chenevert, R.'        6  ? 
primary 'Balg, C.'             7  ? 
primary 'Frugier, M.'          8  ? 
primary 'Rudinger-Thirion, J.' 9  ? 
primary 'Giege, R.'            10 ? 
primary 'Lorber, L.'           11 ? 
primary 'Sauter, C.'           12 ? 
1       'Sauter, C.'           13 ? 
1       'Basquin, J.'          14 ? 
1       'Suck, D.'             15 ? 
# 
_cell.entry_id           2Y90 
_cell.length_a           61.500 
_cell.length_b           61.500 
_cell.length_c           28.250 
_cell.angle_alpha        90.00 
_cell.angle_beta         90.00 
_cell.angle_gamma        120.00 
_cell.Z_PDB              6 
_cell.pdbx_unique_axis   ? 
# 
_symmetry.entry_id                         2Y90 
_symmetry.space_group_name_H-M             'P 6' 
_symmetry.pdbx_full_space_group_name_H-M   ? 
_symmetry.cell_setting                     ? 
_symmetry.Int_Tables_number                168 
# 
loop_
_entity.id 
_entity.type 
_entity.src_method 
_entity.pdbx_description 
_entity.formula_weight 
_entity.pdbx_number_of_molecules 
_entity.pdbx_ec 
_entity.pdbx_mutation 
_entity.pdbx_fragment 
_entity.details 
1 polymer man 'PROTEIN HFQ' 11307.484 1  ? ? ? ? 
2 water   nat water         18.015    11 ? ? ? ? 
# 
_entity_name_com.entity_id   1 
_entity_name_com.name        'HF-1, HOST FACTOR-I PROTEIN, HF-I' 
# 
_entity_poly.entity_id                      1 
_entity_poly.type                           'polypeptide(L)' 
_entity_poly.nstd_linkage                   no 
_entity_poly.nstd_monomer                   no 
_entity_poly.pdbx_seq_one_letter_code       
;GAMAKGQSLQDPFLNALRRERVPVSIYLVNGIKLQGQIESFDQFVILLKNTVSQMVYKHAISTVVPSRPVSHHSNNAGGG
TSSNYHHGSSAQNTSAQQDSEETE
;
_entity_poly.pdbx_seq_one_letter_code_can   
;GAMAKGQSLQDPFLNALRRERVPVSIYLVNGIKLQGQIESFDQFVILLKNTVSQMVYKHAISTVVPSRPVSHHSNNAGGG
TSSNYHHGSSAQNTSAQQDSEETE
;
_entity_poly.pdbx_strand_id                 A 
_entity_poly.pdbx_target_identifier         ? 
# 
loop_
_entity_poly_seq.entity_id 
_entity_poly_seq.num 
_entity_poly_seq.mon_id 
_entity_poly_seq.hetero 
1 1   GLY n 
1 2   ALA n 
1 3   MET n 
1 4   ALA n 
1 5   LYS n 
1 6   GLY n 
1 7   GLN n 
1 8   SER n 
1 9   LEU n 
1 10  GLN n 
1 11  ASP n 
1 12  PRO n 
1 13  PHE n 
1 14  LEU n 
1 15  ASN n 
1 16  ALA n 
1 17  LEU n 
1 18  ARG n 
1 19  ARG n 
1 20  GLU n 
1 21  ARG n 
1 22  VAL n 
1 23  PRO n 
1 24  VAL n 
1 25  SER n 
1 26  ILE n 
1 27  TYR n 
1 28  LEU n 
1 29  VAL n 
1 30  ASN n 
1 31  GLY n 
1 32  ILE n 
1 33  LYS n 
1 34  LEU n 
1 35  GLN n 
1 36  GLY n 
1 37  GLN n 
1 38  ILE n 
1 39  GLU n 
1 40  SER n 
1 41  PHE n 
1 42  ASP n 
1 43  GLN n 
1 44  PHE n 
1 45  VAL n 
1 46  ILE n 
1 47  LEU n 
1 48  LEU n 
1 49  LYS n 
1 50  ASN n 
1 51  THR n 
1 52  VAL n 
1 53  SER n 
1 54  GLN n 
1 55  MET n 
1 56  VAL n 
1 57  TYR n 
1 58  LYS n 
1 59  HIS n 
1 60  ALA n 
1 61  ILE n 
1 62  SER n 
1 63  THR n 
1 64  VAL n 
1 65  VAL n 
1 66  PRO n 
1 67  SER n 
1 68  ARG n 
1 69  PRO n 
1 70  VAL n 
1 71  SER n 
1 72  HIS n 
1 73  HIS n 
1 74  SER n 
1 75  ASN n 
1 76  ASN n 
1 77  ALA n 
1 78  GLY n 
1 79  GLY n 
1 80  GLY n 
1 81  THR n 
1 82  SER n 
1 83  SER n 
1 84  ASN n 
1 85  TYR n 
1 86  HIS n 
1 87  HIS n 
1 88  GLY n 
1 89  SER n 
1 90  SER n 
1 91  ALA n 
1 92  GLN n 
1 93  ASN n 
1 94  THR n 
1 95  SER n 
1 96  ALA n 
1 97  GLN n 
1 98  GLN n 
1 99  ASP n 
1 100 SER n 
1 101 GLU n 
1 102 GLU n 
1 103 THR n 
1 104 GLU n 
# 
_entity_src_gen.entity_id                          1 
_entity_src_gen.pdbx_src_id                        1 
_entity_src_gen.pdbx_alt_source_flag               sample 
_entity_src_gen.pdbx_seq_type                      ? 
_entity_src_gen.pdbx_beg_seq_num                   ? 
_entity_src_gen.pdbx_end_seq_num                   ? 
_entity_src_gen.gene_src_common_name               ? 
_entity_src_gen.gene_src_genus                     ? 
_entity_src_gen.pdbx_gene_src_gene                 ? 
_entity_src_gen.gene_src_species                   ? 
_entity_src_gen.gene_src_strain                    ? 
_entity_src_gen.gene_src_tissue                    ? 
_entity_src_gen.gene_src_tissue_fraction           ? 
_entity_src_gen.gene_src_details                   ? 
_entity_src_gen.pdbx_gene_src_fragment             ? 
_entity_src_gen.pdbx_gene_src_scientific_name      'ESCHERICHIA COLI' 
_entity_src_gen.pdbx_gene_src_ncbi_taxonomy_id     562 
_entity_src_gen.pdbx_gene_src_variant              ? 
_entity_src_gen.pdbx_gene_src_cell_line            ? 
_entity_src_gen.pdbx_gene_src_atcc                 ? 
_entity_src_gen.pdbx_gene_src_organ                ? 
_entity_src_gen.pdbx_gene_src_organelle            ? 
_entity_src_gen.pdbx_gene_src_cell                 ? 
_entity_src_gen.pdbx_gene_src_cellular_location    ? 
_entity_src_gen.host_org_common_name               ? 
_entity_src_gen.pdbx_host_org_scientific_name      'ESCHERICHIA COLI' 
_entity_src_gen.pdbx_host_org_ncbi_taxonomy_id     469008 
_entity_src_gen.host_org_genus                     ? 
_entity_src_gen.pdbx_host_org_gene                 ? 
_entity_src_gen.pdbx_host_org_organ                ? 
_entity_src_gen.host_org_species                   ? 
_entity_src_gen.pdbx_host_org_tissue               ? 
_entity_src_gen.pdbx_host_org_tissue_fraction      ? 
_entity_src_gen.pdbx_host_org_strain               'BL21(DE3) STAR' 
_entity_src_gen.pdbx_host_org_variant              ? 
_entity_src_gen.pdbx_host_org_cell_line            ? 
_entity_src_gen.pdbx_host_org_atcc                 ? 
_entity_src_gen.pdbx_host_org_culture_collection   ? 
_entity_src_gen.pdbx_host_org_cell                 ? 
_entity_src_gen.pdbx_host_org_organelle            ? 
_entity_src_gen.pdbx_host_org_cellular_location    ? 
_entity_src_gen.pdbx_host_org_vector_type          PLASMID 
_entity_src_gen.pdbx_host_org_vector               PETM11 
_entity_src_gen.host_org_details                   ? 
_entity_src_gen.expression_system_id               ? 
_entity_src_gen.plasmid_name                       ? 
_entity_src_gen.plasmid_details                    ? 
_entity_src_gen.pdbx_description                   ? 
# 
_struct_ref.id                         1 
_struct_ref.db_name                    UNP 
_struct_ref.db_code                    HFQ_ECOLI 
_struct_ref.entity_id                  1 
_struct_ref.pdbx_seq_one_letter_code   ? 
_struct_ref.pdbx_align_begin           ? 
_struct_ref.pdbx_db_accession          P0A6X3 
_struct_ref.pdbx_db_isoform            ? 
# 
_struct_ref_seq.align_id                      1 
_struct_ref_seq.ref_id                        1 
_struct_ref_seq.pdbx_PDB_id_code              2Y90 
_struct_ref_seq.pdbx_strand_id                A 
_struct_ref_seq.seq_align_beg                 3 
_struct_ref_seq.pdbx_seq_align_beg_ins_code   ? 
_struct_ref_seq.seq_align_end                 104 
_struct_ref_seq.pdbx_seq_align_end_ins_code   ? 
_struct_ref_seq.pdbx_db_accession             P0A6X3 
_struct_ref_seq.db_align_beg                  1 
_struct_ref_seq.pdbx_db_align_beg_ins_code    ? 
_struct_ref_seq.db_align_end                  102 
_struct_ref_seq.pdbx_db_align_end_ins_code    ? 
_struct_ref_seq.pdbx_auth_seq_align_beg       1 
_struct_ref_seq.pdbx_auth_seq_align_end       102 
# 
loop_
_struct_ref_seq_dif.align_id 
_struct_ref_seq_dif.pdbx_pdb_id_code 
_struct_ref_seq_dif.mon_id 
_struct_ref_seq_dif.pdbx_pdb_strand_id 
_struct_ref_seq_dif.seq_num 
_struct_ref_seq_dif.pdbx_pdb_ins_code 
_struct_ref_seq_dif.pdbx_seq_db_name 
_struct_ref_seq_dif.pdbx_seq_db_accession_code 
_struct_ref_seq_dif.db_mon_id 
_struct_ref_seq_dif.pdbx_seq_db_seq_num 
_struct_ref_seq_dif.details 
_struct_ref_seq_dif.pdbx_auth_seq_num 
_struct_ref_seq_dif.pdbx_ordinal 
1 2Y90 GLY A 1 ? UNP P0A6X3 ? ? 'expression tag' -1 1 
1 2Y90 ALA A 2 ? UNP P0A6X3 ? ? 'expression tag' 0  2 
# 
loop_
_chem_comp.id 
_chem_comp.type 
_chem_comp.mon_nstd_flag 
_chem_comp.name 
_chem_comp.pdbx_synonyms 
_chem_comp.formula 
_chem_comp.formula_weight 
ALA 'L-peptide linking' y ALANINE         ? 'C3 H7 N O2'     89.093  
ARG 'L-peptide linking' y ARGININE        ? 'C6 H15 N4 O2 1' 175.209 
ASN 'L-peptide linking' y ASPARAGINE      ? 'C4 H8 N2 O3'    132.118 
ASP 'L-peptide linking' y 'ASPARTIC ACID' ? 'C4 H7 N O4'     133.103 
GLN 'L-peptide linking' y GLUTAMINE       ? 'C5 H10 N2 O3'   146.144 
GLU 'L-peptide linking' y 'GLUTAMIC ACID' ? 'C5 H9 N O4'     147.129 
GLY 'peptide linking'   y GLYCINE         ? 'C2 H5 N O2'     75.067  
HIS 'L-peptide linking' y HISTIDINE       ? 'C6 H10 N3 O2 1' 156.162 
HOH non-polymer         . WATER           ? 'H2 O'           18.015  
ILE 'L-peptide linking' y ISOLEUCINE      ? 'C6 H13 N O2'    131.173 
LEU 'L-peptide linking' y LEUCINE         ? 'C6 H13 N O2'    131.173 
LYS 'L-peptide linking' y LYSINE          ? 'C6 H15 N2 O2 1' 147.195 
MET 'L-peptide linking' y METHIONINE      ? 'C5 H11 N O2 S'  149.211 
PHE 'L-peptide linking' y PHENYLALANINE   ? 'C9 H11 N O2'    165.189 
PRO 'L-peptide linking' y PROLINE         ? 'C5 H9 N O2'     115.130 
SER 'L-peptide linking' y SERINE          ? 'C3 H7 N O3'     105.093 
THR 'L-peptide linking' y THREONINE       ? 'C4 H9 N O3'     119.119 
TYR 'L-peptide linking' y TYROSINE        ? 'C9 H11 N O3'    181.189 
VAL 'L-peptide linking' y VALINE          ? 'C5 H11 N O2'    117.146 
# 
_exptl.entry_id          2Y90 
_exptl.method            'X-RAY DIFFRACTION' 
_exptl.crystals_number   1 
# 
_exptl_crystal.id                    1 
_exptl_crystal.density_meas          ? 
_exptl_crystal.density_Matthews      1.7 
_exptl_crystal.density_percent_sol   30 
_exptl_crystal.description           NONE 
# 
_exptl_crystal_grow.crystal_id      1 
_exptl_crystal_grow.method          'VAPOR DIFFUSION, HANGING DROP' 
_exptl_crystal_grow.temp            293 
_exptl_crystal_grow.temp_details    ? 
_exptl_crystal_grow.pH              ? 
_exptl_crystal_grow.pdbx_pH_range   ? 
_exptl_crystal_grow.pdbx_details    
;CRYSTALS WERE OBTAINED BY VAPOR DIFFUSION IN 2UL HANGING DROPS AT 20C. THE RESERVOIR CONTAINED 1.6 M AMMONIUM SULFATE, 0.1 M TRIS-HCL PH 8.0.
;
# 
_diffrn.id                     1 
_diffrn.ambient_temp           100 
_diffrn.ambient_temp_details   ? 
_diffrn.crystal_id             1 
# 
_diffrn_detector.diffrn_id              1 
_diffrn_detector.detector               CCD 
_diffrn_detector.type                   'ADSC QUANTUM 4' 
_diffrn_detector.pdbx_collection_date   ? 
_diffrn_detector.details                ? 
# 
_diffrn_radiation.diffrn_id                        1 
_diffrn_radiation.wavelength_id                    1 
_diffrn_radiation.pdbx_monochromatic_or_laue_m_l   M 
_diffrn_radiation.monochromator                    ? 
_diffrn_radiation.pdbx_diffrn_protocol             'SINGLE WAVELENGTH' 
_diffrn_radiation.pdbx_scattering_type             x-ray 
# 
_diffrn_radiation_wavelength.id           1 
_diffrn_radiation_wavelength.wavelength   0.933 
_diffrn_radiation_wavelength.wt           1.0 
# 
_diffrn_source.diffrn_id                   1 
_diffrn_source.source                      SYNCHROTRON 
_diffrn_source.type                        'ESRF BEAMLINE ID14-2' 
_diffrn_source.pdbx_synchrotron_site       ESRF 
_diffrn_source.pdbx_synchrotron_beamline   ID14-2 
_diffrn_source.pdbx_wavelength             0.933 
_diffrn_source.pdbx_wavelength_list        ? 
# 
_reflns.pdbx_diffrn_id               1 
_reflns.pdbx_ordinal                 1 
_reflns.entry_id                     2Y90 
_reflns.observed_criterion_sigma_I   -3.0 
_reflns.observed_criterion_sigma_F   ? 
_reflns.d_resolution_low             54.00 
_reflns.d_resolution_high            2.25 
_reflns.number_obs                   2979 
_reflns.number_all                   ? 
_reflns.percent_possible_obs         99.0 
_reflns.pdbx_Rmerge_I_obs            0.06 
_reflns.pdbx_Rsym_value              ? 
_reflns.pdbx_netI_over_sigmaI        11.70 
_reflns.B_iso_Wilson_estimate        28.6 
_reflns.pdbx_redundancy              7.6 
# 
_reflns_shell.pdbx_diffrn_id         1 
_reflns_shell.pdbx_ordinal           1 
_reflns_shell.d_res_high             2.25 
_reflns_shell.d_res_low              2.30 
_reflns_shell.percent_possible_all   89.3 
_reflns_shell.Rmerge_I_obs           0.17 
_reflns_shell.pdbx_Rsym_value        ? 
_reflns_shell.meanI_over_sigI_obs    4.30 
_reflns_shell.pdbx_redundancy        ? 
# 
_refine.pdbx_refine_id                           'X-RAY DIFFRACTION' 
_refine.entry_id                                 2Y90 
_refine.pdbx_diffrn_id                           1 
_refine.pdbx_TLS_residual_ADP_flag               ? 
_refine.ls_number_reflns_obs                     2979 
_refine.ls_number_reflns_all                     ? 
_refine.pdbx_ls_sigma_I                          ? 
_refine.pdbx_ls_sigma_F                          0.00 
_refine.pdbx_data_cutoff_high_absF               ? 
_refine.pdbx_data_cutoff_low_absF                ? 
_refine.pdbx_data_cutoff_high_rms_absF           ? 
_refine.ls_d_res_low                             53.261 
_refine.ls_d_res_high                            2.252 
_refine.ls_percent_reflns_obs                    99.04 
_refine.ls_R_factor_obs                          0.1881 
_refine.ls_R_factor_all                          ? 
_refine.ls_R_factor_R_work                       0.1798 
_refine.ls_R_factor_R_free                       0.2258 
_refine.ls_R_factor_R_free_error                 ? 
_refine.ls_R_factor_R_free_error_details         ? 
_refine.ls_percent_reflns_R_free                 7.8 
_refine.ls_number_reflns_R_free                  232 
_refine.ls_number_parameters                     ? 
_refine.ls_number_restraints                     ? 
_refine.occupancy_min                            ? 
_refine.occupancy_max                            ? 
_refine.correlation_coeff_Fo_to_Fc               ? 
_refine.correlation_coeff_Fo_to_Fc_free          ? 
_refine.B_iso_mean                               27.9 
_refine.aniso_B[1][1]                            -2.6640 
_refine.aniso_B[2][2]                            -2.6640 
_refine.aniso_B[3][3]                            5.3279 
_refine.aniso_B[1][2]                            -0.0000 
_refine.aniso_B[1][3]                            0.0000 
_refine.aniso_B[2][3]                            0.0000 
_refine.solvent_model_details                    'FLAT BULK SOLVENT MODEL' 
_refine.solvent_model_param_ksol                 0.333 
_refine.solvent_model_param_bsol                 25.035 
_refine.pdbx_solvent_vdw_probe_radii             1.00 
_refine.pdbx_solvent_ion_probe_radii             ? 
_refine.pdbx_solvent_shrinkage_radii             0.72 
_refine.pdbx_ls_cross_valid_method               ? 
_refine.details                                  
;THE FULL LENGTH HFQ PROTEIN CRYSTALLIZED AFTER PROTEOLYTIC DEGRADATION AS INDICATED BY THE CRYSTAL SOLVENT SOLVENT CONTENT (SEE REF1). THE RESULTING MONOMER LACKS RESIDUES 70-102. THE LATTER ARE EITHER DISORDERED IN THE CRYSTAL OR ABSENT DUE TO BY PROTEOLYSIS.
;
_refine.pdbx_starting_model                      'PDB ENTRY 1HK9' 
_refine.pdbx_method_to_determine_struct          'MOLECULAR REPLACEMENT' 
_refine.pdbx_isotropic_thermal_model             ? 
_refine.pdbx_stereochemistry_target_values       TWIN_LSQ_F 
_refine.pdbx_stereochem_target_val_spec_case     ? 
_refine.pdbx_R_Free_selection_details            ? 
_refine.pdbx_overall_ESU_R                       ? 
_refine.pdbx_overall_ESU_R_Free                  ? 
_refine.overall_SU_ML                            ? 
_refine.pdbx_overall_phase_error                 32.43 
_refine.overall_SU_B                             ? 
_refine.overall_SU_R_Cruickshank_DPI             ? 
_refine.pdbx_overall_SU_R_free_Cruickshank_DPI   ? 
_refine.pdbx_overall_SU_R_Blow_DPI               ? 
_refine.pdbx_overall_SU_R_free_Blow_DPI          ? 
# 
_refine_hist.pdbx_refine_id                   'X-RAY DIFFRACTION' 
_refine_hist.cycle_id                         LAST 
_refine_hist.pdbx_number_atoms_protein        510 
_refine_hist.pdbx_number_atoms_nucleic_acid   0 
_refine_hist.pdbx_number_atoms_ligand         0 
_refine_hist.number_atoms_solvent             11 
_refine_hist.number_atoms_total               521 
_refine_hist.d_res_high                       2.252 
_refine_hist.d_res_low                        53.261 
# 
loop_
_refine_ls_restr.type 
_refine_ls_restr.dev_ideal 
_refine_ls_restr.dev_ideal_target 
_refine_ls_restr.weight 
_refine_ls_restr.number 
_refine_ls_restr.pdbx_refine_id 
_refine_ls_restr.pdbx_restraint_function 
f_bond_d           0.007  ? ? 519 'X-RAY DIFFRACTION' ? 
f_angle_d          1.164  ? ? 704 'X-RAY DIFFRACTION' ? 
f_dihedral_angle_d 14.250 ? ? 197 'X-RAY DIFFRACTION' ? 
f_chiral_restr     0.077  ? ? 85  'X-RAY DIFFRACTION' ? 
f_plane_restr      0.005  ? ? 89  'X-RAY DIFFRACTION' ? 
# 
_refine_ls_shell.pdbx_refine_id                   'X-RAY DIFFRACTION' 
_refine_ls_shell.pdbx_total_number_of_bins_used   ? 
_refine_ls_shell.d_res_high                       2.2608 
_refine_ls_shell.d_res_low                        24.9582 
_refine_ls_shell.number_reflns_R_work             2713 
_refine_ls_shell.R_factor_R_work                  0.1832 
_refine_ls_shell.percent_reflns_obs               91.00 
_refine_ls_shell.R_factor_R_free                  0.2262 
_refine_ls_shell.R_factor_R_free_error            ? 
_refine_ls_shell.percent_reflns_R_free            ? 
_refine_ls_shell.number_reflns_R_free             232 
_refine_ls_shell.number_reflns_all                ? 
_refine_ls_shell.R_factor_all                     ? 
# 
_struct.entry_id                  2Y90 
_struct.title                     'Crystal structure of Hfq riboregulator from E. coli (P6 space group)' 
_struct.pdbx_model_details        ? 
_struct.pdbx_CASP_flag            ? 
_struct.pdbx_model_type_details   ? 
# 
_struct_keywords.entry_id        2Y90 
_struct_keywords.pdbx_keywords   'RNA BINDING PROTEIN' 
_struct_keywords.text            'RNA-BINDING PROTEIN, SM-LIKE, RNA CHAPERONE, RNA BINDING PROTEIN' 
# 
loop_
_struct_asym.id 
_struct_asym.pdbx_blank_PDB_chainid_flag 
_struct_asym.pdbx_modified 
_struct_asym.entity_id 
_struct_asym.details 
A N N 1 ? 
B N N 2 ? 
# 
_struct_biol.id   1 
# 
_struct_conf.conf_type_id            HELX_P 
_struct_conf.id                      HELX_P1 
_struct_conf.pdbx_PDB_helix_id       1 
_struct_conf.beg_label_comp_id       LEU 
_struct_conf.beg_label_asym_id       A 
_struct_conf.beg_label_seq_id        9 
_struct_conf.pdbx_beg_PDB_ins_code   ? 
_struct_conf.end_label_comp_id       GLU 
_struct_conf.end_label_asym_id       A 
_struct_conf.end_label_seq_id        20 
_struct_conf.pdbx_end_PDB_ins_code   ? 
_struct_conf.beg_auth_comp_id        LEU 
_struct_conf.beg_auth_asym_id        A 
_struct_conf.beg_auth_seq_id         7 
_struct_conf.end_auth_comp_id        GLU 
_struct_conf.end_auth_asym_id        A 
_struct_conf.end_auth_seq_id         18 
_struct_conf.pdbx_PDB_helix_class    1 
_struct_conf.details                 ? 
_struct_conf.pdbx_PDB_helix_length   12 
# 
_struct_conf_type.id          HELX_P 
_struct_conf_type.criteria    ? 
_struct_conf_type.reference   ? 
# 
_struct_sheet.id               AA 
_struct_sheet.type             ? 
_struct_sheet.number_strands   5 
_struct_sheet.details          ? 
# 
loop_
_struct_sheet_order.sheet_id 
_struct_sheet_order.range_id_1 
_struct_sheet_order.range_id_2 
_struct_sheet_order.offset 
_struct_sheet_order.sense 
AA 1 2 ? anti-parallel 
AA 2 3 ? anti-parallel 
AA 3 4 ? anti-parallel 
AA 4 5 ? anti-parallel 
# 
loop_
_struct_sheet_range.sheet_id 
_struct_sheet_range.id 
_struct_sheet_range.beg_label_comp_id 
_struct_sheet_range.beg_label_asym_id 
_struct_sheet_range.beg_label_seq_id 
_struct_sheet_range.pdbx_beg_PDB_ins_code 
_struct_sheet_range.end_label_comp_id 
_struct_sheet_range.end_label_asym_id 
_struct_sheet_range.end_label_seq_id 
_struct_sheet_range.pdbx_end_PDB_ins_code 
_struct_sheet_range.beg_auth_comp_id 
_struct_sheet_range.beg_auth_asym_id 
_struct_sheet_range.beg_auth_seq_id 
_struct_sheet_range.end_auth_comp_id 
_struct_sheet_range.end_auth_asym_id 
_struct_sheet_range.end_auth_seq_id 
AA 1 SER A 53 ? TYR A 57 ? SER A 51 TYR A 55 
AA 2 VAL A 45 ? LYS A 49 ? VAL A 43 LYS A 47 
AA 3 LYS A 33 ? PHE A 41 ? LYS A 31 PHE A 39 
AA 4 VAL A 24 ? LEU A 28 ? VAL A 22 LEU A 26 
AA 5 ILE A 61 ? PRO A 66 ? ILE A 59 PRO A 64 
# 
loop_
_pdbx_struct_sheet_hbond.sheet_id 
_pdbx_struct_sheet_hbond.range_id_1 
_pdbx_struct_sheet_hbond.range_id_2 
_pdbx_struct_sheet_hbond.range_1_label_atom_id 
_pdbx_struct_sheet_hbond.range_1_label_comp_id 
_pdbx_struct_sheet_hbond.range_1_label_asym_id 
_pdbx_struct_sheet_hbond.range_1_label_seq_id 
_pdbx_struct_sheet_hbond.range_1_PDB_ins_code 
_pdbx_struct_sheet_hbond.range_1_auth_atom_id 
_pdbx_struct_sheet_hbond.range_1_auth_comp_id 
_pdbx_struct_sheet_hbond.range_1_auth_asym_id 
_pdbx_struct_sheet_hbond.range_1_auth_seq_id 
_pdbx_struct_sheet_hbond.range_2_label_atom_id 
_pdbx_struct_sheet_hbond.range_2_label_comp_id 
_pdbx_struct_sheet_hbond.range_2_label_asym_id 
_pdbx_struct_sheet_hbond.range_2_label_seq_id 
_pdbx_struct_sheet_hbond.range_2_PDB_ins_code 
_pdbx_struct_sheet_hbond.range_2_auth_atom_id 
_pdbx_struct_sheet_hbond.range_2_auth_comp_id 
_pdbx_struct_sheet_hbond.range_2_auth_asym_id 
_pdbx_struct_sheet_hbond.range_2_auth_seq_id 
AA 1 2 N VAL A 56 ? N VAL A 54 O ILE A 46 ? O ILE A 44 
AA 2 3 N LYS A 49 ? N LYS A 47 O GLN A 37 ? O GLN A 35 
AA 3 4 N GLY A 36 ? N GLY A 34 O VAL A 24 ? O VAL A 22 
AA 4 5 O TYR A 27 ? O TYR A 25 N SER A 62 ? N SER A 60 
# 
_atom_sites.entry_id                    2Y90 
_atom_sites.fract_transf_matrix[1][1]   0.00317792 
_atom_sites.fract_transf_matrix[1][2]   -0.01602544 
_atom_sites.fract_transf_matrix[1][3]   -0.00925247 
_atom_sites.fract_transf_matrix[2][1]   -0.01304691 
_atom_sites.fract_transf_matrix[2][2]   -0.01350165 
_atom_sites.fract_transf_matrix[2][3]   -0.00014711 
_atom_sites.fract_transf_matrix[3][1]   -0.01421103 
_atom_sites.fract_transf_matrix[3][2]   0.01405074 
_atom_sites.fract_transf_matrix[3][3]   -0.02921715 
_atom_sites.fract_transf_vector[1]      0.275152 
_atom_sites.fract_transf_vector[2]      0.342485 
_atom_sites.fract_transf_vector[3]      0.003619 
# 
loop_
_atom_type.symbol 
C 
N 
O 
S 
# 
loop_
_atom_site.group_PDB 
_atom_site.id 
_atom_site.type_symbol 
_atom_site.label_atom_id 
_atom_site.label_alt_id 
_atom_site.label_comp_id 
_atom_site.label_asym_id 
_atom_site.label_entity_id 
_atom_site.label_seq_id 
_atom_site.pdbx_PDB_ins_code 
_atom_site.Cartn_x 
_atom_site.Cartn_y 
_atom_site.Cartn_z 
_atom_site.occupancy 
_atom_site.B_iso_or_equiv 
_atom_site.pdbx_formal_charge 
_atom_site.auth_seq_id 
_atom_site.auth_comp_id 
_atom_site.auth_asym_id 
_atom_site.auth_atom_id 
_atom_site.pdbx_PDB_model_num 
ATOM   1   N N   . SER A 1 8  ? 0.592   0.216   17.457  1.00 40.03 ? 6    SER A N   1 
ATOM   2   C CA  . SER A 1 8  ? 0.501   0.764   16.109  1.00 43.93 ? 6    SER A CA  1 
ATOM   3   C C   . SER A 1 8  ? -0.738  0.232   15.389  1.00 42.24 ? 6    SER A C   1 
ATOM   4   O O   . SER A 1 8  ? -1.240  -0.841  15.713  1.00 43.16 ? 6    SER A O   1 
ATOM   5   C CB  . SER A 1 8  ? 1.763   0.433   15.317  1.00 46.76 ? 6    SER A CB  1 
ATOM   6   O OG  . SER A 1 8  ? 1.638   0.851   13.976  1.00 40.19 ? 6    SER A OG  1 
ATOM   7   N N   . LEU A 1 9  ? -1.234  0.996   14.421  1.00 38.96 ? 7    LEU A N   1 
ATOM   8   C CA  . LEU A 1 9  ? -2.406  0.590   13.640  1.00 37.80 ? 7    LEU A CA  1 
ATOM   9   C C   . LEU A 1 9  ? -2.010  0.278   12.202  1.00 34.96 ? 7    LEU A C   1 
ATOM   10  O O   . LEU A 1 9  ? -2.733  -0.391  11.475  1.00 34.67 ? 7    LEU A O   1 
ATOM   11  C CB  . LEU A 1 9  ? -3.473  1.688   13.611  1.00 35.12 ? 7    LEU A CB  1 
ATOM   12  C CG  . LEU A 1 9  ? -4.126  2.237   14.882  1.00 37.42 ? 7    LEU A CG  1 
ATOM   13  C CD1 . LEU A 1 9  ? -4.708  3.615   14.596  1.00 30.46 ? 7    LEU A CD1 1 
ATOM   14  C CD2 . LEU A 1 9  ? -5.204  1.300   15.415  1.00 37.40 ? 7    LEU A CD2 1 
ATOM   15  N N   . GLN A 1 10 ? -0.862  0.786   11.787  1.00 35.62 ? 8    GLN A N   1 
ATOM   16  C CA  . GLN A 1 10 ? -0.386  0.598   10.431  1.00 31.85 ? 8    GLN A CA  1 
ATOM   17  C C   . GLN A 1 10 ? -0.205  -0.865  10.120  1.00 29.71 ? 8    GLN A C   1 
ATOM   18  O O   . GLN A 1 10 ? -0.529  -1.326  9.025   1.00 25.93 ? 8    GLN A O   1 
ATOM   19  C CB  . GLN A 1 10 ? 0.971   1.249   10.303  1.00 34.74 ? 8    GLN A CB  1 
ATOM   20  C CG  . GLN A 1 10 ? 1.058   2.293   9.257   1.00 29.88 ? 8    GLN A CG  1 
ATOM   21  C CD  . GLN A 1 10 ? 2.428   2.894   9.239   1.00 26.44 ? 8    GLN A CD  1 
ATOM   22  O OE1 . GLN A 1 10 ? 2.941   3.323   10.267  1.00 33.12 ? 8    GLN A OE1 1 
ATOM   23  N NE2 . GLN A 1 10 ? 3.026   2.951   8.058   1.00 19.69 ? 8    GLN A NE2 1 
ATOM   24  N N   . ASP A 1 11 ? 0.362   -1.581  11.083  1.00 32.70 ? 9    ASP A N   1 
ATOM   25  C CA  . ASP A 1 11 ? 0.722   -2.974  10.894  1.00 29.29 ? 9    ASP A CA  1 
ATOM   26  C C   . ASP A 1 11 ? -0.539  -3.804  10.702  1.00 32.53 ? 9    ASP A C   1 
ATOM   27  O O   . ASP A 1 11 ? -0.652  -4.560  9.742   1.00 31.31 ? 9    ASP A O   1 
ATOM   28  C CB  . ASP A 1 11 ? 1.547   -3.485  12.085  1.00 38.06 ? 9    ASP A CB  1 
ATOM   29  C CG  . ASP A 1 11 ? 2.867   -2.729  12.265  1.00 47.05 ? 9    ASP A CG  1 
ATOM   30  O OD1 . ASP A 1 11 ? 3.641   -2.635  11.284  1.00 51.17 ? 9    ASP A OD1 1 
ATOM   31  O OD2 . ASP A 1 11 ? 3.129   -2.230  13.390  1.00 51.49 ? 9    ASP A OD2 1 
ATOM   32  N N   . PRO A 1 12 ? -1.508  -3.664  11.613  1.00 34.08 ? 10   PRO A N   1 
ATOM   33  C CA  . PRO A 1 12 ? -2.752  -4.392  11.362  1.00 28.04 ? 10   PRO A CA  1 
ATOM   34  C C   . PRO A 1 12 ? -3.407  -4.017  10.021  1.00 30.76 ? 10   PRO A C   1 
ATOM   35  O O   . PRO A 1 12 ? -3.915  -4.915  9.344   1.00 30.93 ? 10   PRO A O   1 
ATOM   36  C CB  . PRO A 1 12 ? -3.636  -3.972  12.536  1.00 29.75 ? 10   PRO A CB  1 
ATOM   37  C CG  . PRO A 1 12 ? -2.673  -3.629  13.621  1.00 33.27 ? 10   PRO A CG  1 
ATOM   38  C CD  . PRO A 1 12 ? -1.497  -3.008  12.934  1.00 30.14 ? 10   PRO A CD  1 
ATOM   39  N N   . PHE A 1 13 ? -3.386  -2.737  9.638   1.00 28.26 ? 11   PHE A N   1 
ATOM   40  C CA  . PHE A 1 13 ? -4.100  -2.273  8.441   1.00 23.21 ? 11   PHE A CA  1 
ATOM   41  C C   . PHE A 1 13 ? -3.455  -2.767  7.161   1.00 22.64 ? 11   PHE A C   1 
ATOM   42  O O   . PHE A 1 13 ? -4.135  -3.197  6.232   1.00 20.44 ? 11   PHE A O   1 
ATOM   43  C CB  . PHE A 1 13 ? -4.164  -0.738  8.403   1.00 19.37 ? 11   PHE A CB  1 
ATOM   44  C CG  . PHE A 1 13 ? -4.943  -0.182  7.233   1.00 18.91 ? 11   PHE A CG  1 
ATOM   45  C CD1 . PHE A 1 13 ? -6.327  -0.145  7.254   1.00 20.09 ? 11   PHE A CD1 1 
ATOM   46  C CD2 . PHE A 1 13 ? -4.291  0.308   6.117   1.00 20.99 ? 11   PHE A CD2 1 
ATOM   47  C CE1 . PHE A 1 13 ? -7.040  0.367   6.186   1.00 20.97 ? 11   PHE A CE1 1 
ATOM   48  C CE2 . PHE A 1 13 ? -5.001  0.822   5.047   1.00 17.27 ? 11   PHE A CE2 1 
ATOM   49  C CZ  . PHE A 1 13 ? -6.369  0.851   5.082   1.00 18.05 ? 11   PHE A CZ  1 
ATOM   50  N N   . LEU A 1 14 ? -2.136  -2.666  7.100   1.00 25.53 ? 12   LEU A N   1 
ATOM   51  C CA  . LEU A 1 14 ? -1.417  -3.082  5.912   1.00 24.86 ? 12   LEU A CA  1 
ATOM   52  C C   . LEU A 1 14 ? -1.397  -4.610  5.828   1.00 26.65 ? 12   LEU A C   1 
ATOM   53  O O   . LEU A 1 14 ? -1.406  -5.169  4.733   1.00 26.67 ? 12   LEU A O   1 
ATOM   54  C CB  . LEU A 1 14 ? -0.006  -2.480  5.882   1.00 24.60 ? 12   LEU A CB  1 
ATOM   55  C CG  . LEU A 1 14 ? 0.113   -0.953  5.752   1.00 20.45 ? 12   LEU A CG  1 
ATOM   56  C CD1 . LEU A 1 14 ? 1.561   -0.549  5.700   1.00 22.11 ? 12   LEU A CD1 1 
ATOM   57  C CD2 . LEU A 1 14 ? -0.609  -0.439  4.517   1.00 17.33 ? 12   LEU A CD2 1 
ATOM   58  N N   . ASN A 1 15 ? -1.393  -5.279  6.982   1.00 27.08 ? 13   ASN A N   1 
ATOM   59  C CA  . ASN A 1 15 ? -1.466  -6.747  7.029   1.00 30.09 ? 13   ASN A CA  1 
ATOM   60  C C   . ASN A 1 15 ? -2.702  -7.297  6.331   1.00 26.57 ? 13   ASN A C   1 
ATOM   61  O O   . ASN A 1 15 ? -2.644  -8.318  5.655   1.00 25.97 ? 13   ASN A O   1 
ATOM   62  C CB  . ASN A 1 15 ? -1.452  -7.264  8.472   1.00 31.88 ? 13   ASN A CB  1 
ATOM   63  C CG  . ASN A 1 15 ? -0.057  -7.387  9.038   1.00 34.04 ? 13   ASN A CG  1 
ATOM   64  O OD1 . ASN A 1 15 ? 0.885   -7.712  8.321   1.00 33.76 ? 13   ASN A OD1 1 
ATOM   65  N ND2 . ASN A 1 15 ? 0.084   -7.121  10.338  1.00 38.64 ? 13   ASN A ND2 1 
ATOM   66  N N   . ALA A 1 16 ? -3.827  -6.621  6.514   1.00 26.12 ? 14   ALA A N   1 
ATOM   67  C CA  . ALA A 1 16 ? -5.087  -7.066  5.925   1.00 28.24 ? 14   ALA A CA  1 
ATOM   68  C C   . ALA A 1 16 ? -5.114  -6.866  4.419   1.00 24.78 ? 14   ALA A C   1 
ATOM   69  O O   . ALA A 1 16 ? -5.671  -7.676  3.689   1.00 26.27 ? 14   ALA A O   1 
ATOM   70  C CB  . ALA A 1 16 ? -6.264  -6.344  6.579   1.00 28.53 ? 14   ALA A CB  1 
ATOM   71  N N   . LEU A 1 17 ? -4.525  -5.778  3.948   1.00 22.02 ? 15   LEU A N   1 
ATOM   72  C CA  . LEU A 1 17 ? -4.514  -5.524  2.522   1.00 21.80 ? 15   LEU A CA  1 
ATOM   73  C C   . LEU A 1 17 ? -3.594  -6.533  1.871   1.00 25.40 ? 15   LEU A C   1 
ATOM   74  O O   . LEU A 1 17 ? -3.873  -7.032  0.782   1.00 27.59 ? 15   LEU A O   1 
ATOM   75  C CB  . LEU A 1 17 ? -4.079  -4.092  2.232   1.00 22.88 ? 15   LEU A CB  1 
ATOM   76  C CG  . LEU A 1 17 ? -5.055  -3.039  2.765   1.00 25.92 ? 15   LEU A CG  1 
ATOM   77  C CD1 . LEU A 1 17 ? -4.526  -1.650  2.542   1.00 20.02 ? 15   LEU A CD1 1 
ATOM   78  C CD2 . LEU A 1 17 ? -6.418  -3.206  2.100   1.00 21.04 ? 15   LEU A CD2 1 
ATOM   79  N N   . ARG A 1 18 ? -2.500  -6.842  2.557   1.00 25.83 ? 16   ARG A N   1 
ATOM   80  C CA  . ARG A 1 18 ? -1.515  -7.794  2.061   1.00 24.84 ? 16   ARG A CA  1 
ATOM   81  C C   . ARG A 1 18 ? -2.073  -9.215  2.110   1.00 27.60 ? 16   ARG A C   1 
ATOM   82  O O   . ARG A 1 18 ? -1.899  -10.000 1.178   1.00 31.22 ? 16   ARG A O   1 
ATOM   83  C CB  . ARG A 1 18 ? -0.231  -7.709  2.892   1.00 25.08 ? 16   ARG A CB  1 
ATOM   84  C CG  . ARG A 1 18 ? 0.870   -8.663  2.446   1.00 27.96 ? 16   ARG A CG  1 
ATOM   85  C CD  . ARG A 1 18 ? 1.957   -8.816  3.502   1.00 31.73 ? 16   ARG A CD  1 
ATOM   86  N NE  . ARG A 1 18 ? 1.449   -9.363  4.761   1.00 39.43 ? 16   ARG A NE  1 
ATOM   87  C CZ  . ARG A 1 18 ? 1.379   -10.664 5.052   1.00 48.32 ? 16   ARG A CZ  1 
ATOM   88  N NH1 . ARG A 1 18 ? 1.782   -11.571 4.170   1.00 47.49 ? 16   ARG A NH1 1 
ATOM   89  N NH2 . ARG A 1 18 ? 0.901   -11.061 6.229   1.00 48.37 ? 16   ARG A NH2 1 
ATOM   90  N N   . ARG A 1 19 ? -2.760  -9.536  3.200   1.00 27.70 ? 17   ARG A N   1 
ATOM   91  C CA  . ARG A 1 19 ? -3.285  -10.883 3.408   1.00 31.03 ? 17   ARG A CA  1 
ATOM   92  C C   . ARG A 1 19 ? -4.449  -11.235 2.472   1.00 30.14 ? 17   ARG A C   1 
ATOM   93  O O   . ARG A 1 19 ? -4.508  -12.345 1.949   1.00 28.32 ? 17   ARG A O   1 
ATOM   94  C CB  . ARG A 1 19 ? -3.678  -11.075 4.883   1.00 35.36 ? 17   ARG A CB  1 
ATOM   95  C CG  . ARG A 1 19 ? -4.546  -12.296 5.186   1.00 42.44 ? 17   ARG A CG  1 
ATOM   96  C CD  . ARG A 1 19 ? -4.492  -12.705 6.672   1.00 51.96 ? 17   ARG A CD  1 
ATOM   97  N NE  . ARG A 1 19 ? -4.897  -11.640 7.594   1.00 55.70 ? 17   ARG A NE  1 
ATOM   98  C CZ  . ARG A 1 19 ? -5.032  -11.793 8.912   1.00 61.87 ? 17   ARG A CZ  1 
ATOM   99  N NH1 . ARG A 1 19 ? -4.807  -12.977 9.477   1.00 62.48 ? 17   ARG A NH1 1 
ATOM   100 N NH2 . ARG A 1 19 ? -5.401  -10.764 9.672   1.00 66.39 ? 17   ARG A NH2 1 
ATOM   101 N N   . GLU A 1 20 ? -5.379  -10.307 2.265   1.00 30.59 ? 18   GLU A N   1 
ATOM   102 C CA  . GLU A 1 20 ? -6.518  -10.580 1.389   1.00 31.24 ? 18   GLU A CA  1 
ATOM   103 C C   . GLU A 1 20 ? -6.228  -10.142 -0.044  1.00 30.23 ? 18   GLU A C   1 
ATOM   104 O O   . GLU A 1 20 ? -7.100  -10.196 -0.918  1.00 30.77 ? 18   GLU A O   1 
ATOM   105 C CB  . GLU A 1 20 ? -7.798  -9.928  1.920   1.00 32.74 ? 18   GLU A CB  1 
ATOM   106 C CG  . GLU A 1 20 ? -8.306  -10.510 3.255   1.00 35.22 ? 18   GLU A CG  1 
ATOM   107 C CD  . GLU A 1 20 ? -8.819  -11.954 3.154   1.00 39.12 ? 18   GLU A CD  1 
ATOM   108 O OE1 . GLU A 1 20 ? -9.026  -12.452 2.026   1.00 44.21 ? 18   GLU A OE1 1 
ATOM   109 O OE2 . GLU A 1 20 ? -9.020  -12.599 4.209   1.00 41.08 ? 18   GLU A OE2 1 
ATOM   110 N N   . ARG A 1 21 ? -4.989  -9.722  -0.274  1.00 26.07 ? 19   ARG A N   1 
ATOM   111 C CA  . ARG A 1 21 ? -4.549  -9.295  -1.592  1.00 27.88 ? 19   ARG A CA  1 
ATOM   112 C C   . ARG A 1 21 ? -5.535  -8.301  -2.188  1.00 27.28 ? 19   ARG A C   1 
ATOM   113 O O   . ARG A 1 21 ? -5.939  -8.401  -3.353  1.00 28.37 ? 19   ARG A O   1 
ATOM   114 C CB  . ARG A 1 21 ? -4.309  -10.512 -2.506  1.00 32.17 ? 19   ARG A CB  1 
ATOM   115 C CG  . ARG A 1 21 ? -3.121  -11.385 -2.049  1.00 30.37 ? 19   ARG A CG  1 
ATOM   116 C CD  . ARG A 1 21 ? -3.071  -12.766 -2.728  1.00 33.72 ? 19   ARG A CD  1 
ATOM   117 N NE  . ARG A 1 21 ? -2.266  -12.791 -3.951  1.00 27.78 ? 19   ARG A NE  1 
ATOM   118 C CZ  . ARG A 1 21 ? -0.967  -13.083 -3.996  1.00 30.08 ? 19   ARG A CZ  1 
ATOM   119 N NH1 . ARG A 1 21 ? -0.301  -13.372 -2.888  1.00 30.19 ? 19   ARG A NH1 1 
ATOM   120 N NH2 . ARG A 1 21 ? -0.327  -13.079 -5.157  1.00 27.28 ? 19   ARG A NH2 1 
ATOM   121 N N   . VAL A 1 22 ? -5.915  -7.334  -1.361  1.00 27.38 ? 20   VAL A N   1 
ATOM   122 C CA  . VAL A 1 22 ? -6.825  -6.270  -1.763  1.00 28.93 ? 20   VAL A CA  1 
ATOM   123 C C   . VAL A 1 22 ? -6.126  -5.208  -2.578  1.00 26.40 ? 20   VAL A C   1 
ATOM   124 O O   . VAL A 1 22 ? -5.191  -4.579  -2.087  1.00 29.81 ? 20   VAL A O   1 
ATOM   125 C CB  . VAL A 1 22 ? -7.401  -5.536  -0.554  1.00 22.62 ? 20   VAL A CB  1 
ATOM   126 C CG1 . VAL A 1 22 ? -8.192  -4.338  -1.020  1.00 23.31 ? 20   VAL A CG1 1 
ATOM   127 C CG2 . VAL A 1 22 ? -8.260  -6.468  0.262   1.00 31.06 ? 20   VAL A CG2 1 
ATOM   128 N N   . PRO A 1 23 ? -6.592  -4.997  -3.818  1.00 27.35 ? 21   PRO A N   1 
ATOM   129 C CA  . PRO A 1 23 ? -6.178  -3.907  -4.711  1.00 31.51 ? 21   PRO A CA  1 
ATOM   130 C C   . PRO A 1 23 ? -6.314  -2.540  -4.041  1.00 26.72 ? 21   PRO A C   1 
ATOM   131 O O   . PRO A 1 23 ? -7.406  -2.206  -3.598  1.00 29.34 ? 21   PRO A O   1 
ATOM   132 C CB  . PRO A 1 23 ? -7.173  -4.015  -5.866  1.00 28.62 ? 21   PRO A CB  1 
ATOM   133 C CG  . PRO A 1 23 ? -7.566  -5.438  -5.888  1.00 25.93 ? 21   PRO A CG  1 
ATOM   134 C CD  . PRO A 1 23 ? -7.587  -5.878  -4.452  1.00 27.69 ? 21   PRO A CD  1 
ATOM   135 N N   . VAL A 1 24 ? -5.224  -1.772  -3.982  1.00 28.32 ? 22   VAL A N   1 
ATOM   136 C CA  . VAL A 1 24 ? -5.220  -0.470  -3.304  1.00 29.92 ? 22   VAL A CA  1 
ATOM   137 C C   . VAL A 1 24 ? -4.733  0.668   -4.202  1.00 27.38 ? 22   VAL A C   1 
ATOM   138 O O   . VAL A 1 24 ? -4.006  0.451   -5.169  1.00 28.47 ? 22   VAL A O   1 
ATOM   139 C CB  . VAL A 1 24 ? -4.358  -0.491  -2.001  1.00 24.60 ? 22   VAL A CB  1 
ATOM   140 C CG1 . VAL A 1 24 ? -4.890  -1.527  -1.029  1.00 23.72 ? 22   VAL A CG1 1 
ATOM   141 C CG2 . VAL A 1 24 ? -2.896  -0.770  -2.320  1.00 24.31 ? 22   VAL A CG2 1 
ATOM   142 N N   . SER A 1 25 ? -5.161  1.880   -3.883  1.00 24.20 ? 23   SER A N   1 
ATOM   143 C CA  . SER A 1 25 ? -4.607  3.069   -4.496  1.00 27.65 ? 23   SER A CA  1 
ATOM   144 C C   . SER A 1 25 ? -3.738  3.744   -3.449  1.00 26.31 ? 23   SER A C   1 
ATOM   145 O O   . SER A 1 25 ? -4.242  4.160   -2.404  1.00 27.39 ? 23   SER A O   1 
ATOM   146 C CB  . SER A 1 25 ? -5.720  4.028   -4.935  1.00 24.43 ? 23   SER A CB  1 
ATOM   147 O OG  . SER A 1 25 ? -6.292  3.640   -6.169  1.00 27.26 ? 23   SER A OG  1 
ATOM   148 N N   . ILE A 1 26 ? -2.438  3.836   -3.702  1.00 22.37 ? 24   ILE A N   1 
ATOM   149 C CA  . ILE A 1 26 ? -1.591  4.647   -2.837  1.00 24.32 ? 24   ILE A CA  1 
ATOM   150 C C   . ILE A 1 26 ? -1.379  5.964   -3.546  1.00 22.49 ? 24   ILE A C   1 
ATOM   151 O O   . ILE A 1 26 ? -0.958  5.984   -4.699  1.00 25.26 ? 24   ILE A O   1 
ATOM   152 C CB  . ILE A 1 26 ? -0.232  4.000   -2.523  1.00 22.42 ? 24   ILE A CB  1 
ATOM   153 C CG1 . ILE A 1 26 ? -0.404  2.635   -1.869  1.00 23.37 ? 24   ILE A CG1 1 
ATOM   154 C CG2 . ILE A 1 26 ? 0.544   4.866   -1.570  1.00 22.22 ? 24   ILE A CG2 1 
ATOM   155 C CD1 . ILE A 1 26 ? 0.917   1.946   -1.572  1.00 23.01 ? 24   ILE A CD1 1 
ATOM   156 N N   . TYR A 1 27 ? -1.711  7.058   -2.870  1.00 22.44 ? 25   TYR A N   1 
ATOM   157 C CA  . TYR A 1 27 ? -1.523  8.396   -3.419  1.00 24.67 ? 25   TYR A CA  1 
ATOM   158 C C   . TYR A 1 27 ? -0.296  9.056   -2.783  1.00 21.21 ? 25   TYR A C   1 
ATOM   159 O O   . TYR A 1 27 ? -0.221  9.195   -1.564  1.00 21.68 ? 25   TYR A O   1 
ATOM   160 C CB  . TYR A 1 27 ? -2.756  9.251   -3.143  1.00 23.04 ? 25   TYR A CB  1 
ATOM   161 C CG  . TYR A 1 27 ? -3.975  8.966   -4.003  1.00 28.80 ? 25   TYR A CG  1 
ATOM   162 C CD1 . TYR A 1 27 ? -4.856  7.931   -3.686  1.00 26.20 ? 25   TYR A CD1 1 
ATOM   163 C CD2 . TYR A 1 27 ? -4.271  9.760   -5.109  1.00 29.36 ? 25   TYR A CD2 1 
ATOM   164 C CE1 . TYR A 1 27 ? -5.988  7.685   -4.456  1.00 28.14 ? 25   TYR A CE1 1 
ATOM   165 C CE2 . TYR A 1 27 ? -5.406  9.522   -5.884  1.00 33.95 ? 25   TYR A CE2 1 
ATOM   166 C CZ  . TYR A 1 27 ? -6.261  8.485   -5.551  1.00 30.30 ? 25   TYR A CZ  1 
ATOM   167 O OH  . TYR A 1 27 ? -7.385  8.244   -6.308  1.00 37.61 ? 25   TYR A OH  1 
ATOM   168 N N   . LEU A 1 28 ? 0.663   9.467   -3.601  1.00 21.77 ? 26   LEU A N   1 
ATOM   169 C CA  . LEU A 1 28 ? 1.900   10.035  -3.074  1.00 22.53 ? 26   LEU A CA  1 
ATOM   170 C C   . LEU A 1 28 ? 1.739   11.497  -2.703  1.00 21.84 ? 26   LEU A C   1 
ATOM   171 O O   . LEU A 1 28 ? 0.758   12.137  -3.079  1.00 24.34 ? 26   LEU A O   1 
ATOM   172 C CB  . LEU A 1 28 ? 3.029   9.877   -4.083  1.00 20.83 ? 26   LEU A CB  1 
ATOM   173 C CG  . LEU A 1 28 ? 3.151   8.461   -4.630  1.00 20.49 ? 26   LEU A CG  1 
ATOM   174 C CD1 . LEU A 1 28 ? 4.273   8.406   -5.652  1.00 20.67 ? 26   LEU A CD1 1 
ATOM   175 C CD2 . LEU A 1 28 ? 3.397   7.473   -3.498  1.00 18.48 ? 26   LEU A CD2 1 
ATOM   176 N N   . VAL A 1 29 ? 2.713   12.035  -1.978  1.00 20.12 ? 27   VAL A N   1 
ATOM   177 C CA  . VAL A 1 29 ? 2.604   13.405  -1.465  1.00 21.83 ? 27   VAL A CA  1 
ATOM   178 C C   . VAL A 1 29 ? 2.511   14.467  -2.564  1.00 23.69 ? 27   VAL A C   1 
ATOM   179 O O   . VAL A 1 29 ? 2.294   15.641  -2.269  1.00 24.94 ? 27   VAL A O   1 
ATOM   180 C CB  . VAL A 1 29 ? 3.726   13.758  -0.451  1.00 23.13 ? 27   VAL A CB  1 
ATOM   181 C CG1 . VAL A 1 29 ? 3.375   13.253  0.954   1.00 17.03 ? 27   VAL A CG1 1 
ATOM   182 C CG2 . VAL A 1 29 ? 5.080   13.199  -0.916  1.00 20.47 ? 27   VAL A CG2 1 
ATOM   183 N N   . ASN A 1 30 ? 2.652   14.051  -3.823  1.00 25.08 ? 28   ASN A N   1 
ATOM   184 C CA  . ASN A 1 30 ? 2.560   14.985  -4.940  1.00 27.14 ? 28   ASN A CA  1 
ATOM   185 C C   . ASN A 1 30 ? 1.311   14.754  -5.776  1.00 26.98 ? 28   ASN A C   1 
ATOM   186 O O   . ASN A 1 30 ? 1.225   15.221  -6.914  1.00 29.82 ? 28   ASN A O   1 
ATOM   187 C CB  . ASN A 1 30 ? 3.803   14.891  -5.823  1.00 23.78 ? 28   ASN A CB  1 
ATOM   188 C CG  . ASN A 1 30 ? 4.024   13.514  -6.347  1.00 24.98 ? 28   ASN A CG  1 
ATOM   189 O OD1 . ASN A 1 30 ? 3.115   12.689  -6.357  1.00 26.92 ? 28   ASN A OD1 1 
ATOM   190 N ND2 . ASN A 1 30 ? 5.246   13.245  -6.792  1.00 27.58 ? 28   ASN A ND2 1 
ATOM   191 N N   . GLY A 1 31 ? 0.354   14.025  -5.207  1.00 25.82 ? 29   GLY A N   1 
ATOM   192 C CA  . GLY A 1 31 ? -0.874  13.688  -5.900  1.00 26.09 ? 29   GLY A CA  1 
ATOM   193 C C   . GLY A 1 31 ? -0.768  12.447  -6.764  1.00 24.25 ? 29   GLY A C   1 
ATOM   194 O O   . GLY A 1 31 ? -1.774  11.797  -7.056  1.00 22.90 ? 29   GLY A O   1 
ATOM   195 N N   . ILE A 1 32 ? 0.437   12.096  -7.187  1.00 22.61 ? 30   ILE A N   1 
ATOM   196 C CA  . ILE A 1 32 ? 0.545   10.952  -8.092  1.00 22.59 ? 30   ILE A CA  1 
ATOM   197 C C   . ILE A 1 32 ? -0.135  9.718   -7.496  1.00 25.23 ? 30   ILE A C   1 
ATOM   198 O O   . ILE A 1 32 ? -0.018  9.455   -6.302  1.00 26.11 ? 30   ILE A O   1 
ATOM   199 C CB  . ILE A 1 32 ? 1.985   10.646  -8.487  1.00 21.61 ? 30   ILE A CB  1 
ATOM   200 C CG1 . ILE A 1 32 ? 2.559   11.808  -9.291  1.00 25.97 ? 30   ILE A CG1 1 
ATOM   201 C CG2 . ILE A 1 32 ? 2.037   9.398   -9.313  1.00 23.22 ? 30   ILE A CG2 1 
ATOM   202 C CD1 . ILE A 1 32 ? 1.519   12.571  -10.107 1.00 25.38 ? 30   ILE A CD1 1 
ATOM   203 N N   . LYS A 1 33 ? -0.869  8.983   -8.329  1.00 26.44 ? 31   LYS A N   1 
ATOM   204 C CA  . LYS A 1 33 ? -1.662  7.850   -7.877  1.00 24.00 ? 31   LYS A CA  1 
ATOM   205 C C   . LYS A 1 33 ? -1.103  6.514   -8.372  1.00 25.57 ? 31   LYS A C   1 
ATOM   206 O O   . LYS A 1 33 ? -1.018  6.279   -9.579  1.00 26.10 ? 31   LYS A O   1 
ATOM   207 C CB  . LYS A 1 33 ? -3.101  8.000   -8.357  1.00 26.93 ? 31   LYS A CB  1 
ATOM   208 C CG  . LYS A 1 33 ? -3.933  6.764   -8.155  1.00 31.55 ? 31   LYS A CG  1 
ATOM   209 C CD  . LYS A 1 33 ? -5.240  6.863   -8.925  1.00 41.92 ? 31   LYS A CD  1 
ATOM   210 C CE  . LYS A 1 33 ? -6.285  5.882   -8.397  1.00 41.46 ? 31   LYS A CE  1 
ATOM   211 N NZ  . LYS A 1 33 ? -7.682  6.313   -8.744  1.00 40.99 ? 31   LYS A NZ  1 
ATOM   212 N N   . LEU A 1 34 ? -0.723  5.645   -7.433  1.00 25.03 ? 32   LEU A N   1 
ATOM   213 C CA  . LEU A 1 34 ? -0.228  4.308   -7.762  1.00 27.73 ? 32   LEU A CA  1 
ATOM   214 C C   . LEU A 1 34 ? -1.274  3.265   -7.431  1.00 25.27 ? 32   LEU A C   1 
ATOM   215 O O   . LEU A 1 34 ? -2.053  3.433   -6.495  1.00 27.19 ? 32   LEU A O   1 
ATOM   216 C CB  . LEU A 1 34 ? 1.048   3.979   -6.990  1.00 23.65 ? 32   LEU A CB  1 
ATOM   217 C CG  . LEU A 1 34 ? 2.226   4.941   -7.054  1.00 25.48 ? 32   LEU A CG  1 
ATOM   218 C CD1 . LEU A 1 34 ? 3.379   4.337   -6.280  1.00 24.06 ? 32   LEU A CD1 1 
ATOM   219 C CD2 . LEU A 1 34 ? 2.629   5.232   -8.492  1.00 26.75 ? 32   LEU A CD2 1 
ATOM   220 N N   . GLN A 1 35 ? -1.289  2.177   -8.189  1.00 27.03 ? 33   GLN A N   1 
ATOM   221 C CA  . GLN A 1 35 ? -2.298  1.139   -7.989  1.00 26.80 ? 33   GLN A CA  1 
ATOM   222 C C   . GLN A 1 35 ? -1.661  -0.240  -8.015  1.00 24.89 ? 33   GLN A C   1 
ATOM   223 O O   . GLN A 1 35 ? -0.692  -0.465  -8.723  1.00 28.06 ? 33   GLN A O   1 
ATOM   224 C CB  . GLN A 1 35 ? -3.389  1.217   -9.067  1.00 29.80 ? 33   GLN A CB  1 
ATOM   225 C CG  . GLN A 1 35 ? -4.202  2.504   -9.079  1.00 32.25 ? 33   GLN A CG  1 
ATOM   226 C CD  . GLN A 1 35 ? -5.364  2.457   -10.064 1.00 45.32 ? 33   GLN A CD  1 
ATOM   227 O OE1 . GLN A 1 35 ? -6.452  1.977   -9.736  1.00 50.87 ? 33   GLN A OE1 1 
ATOM   228 N NE2 . GLN A 1 35 ? -5.140  2.960   -11.278 1.00 43.61 ? 33   GLN A NE2 1 
ATOM   229 N N   . GLY A 1 36 ? -2.217  -1.169  -7.246  1.00 29.15 ? 34   GLY A N   1 
ATOM   230 C CA  . GLY A 1 36 ? -1.761  -2.550  -7.277  1.00 29.21 ? 34   GLY A CA  1 
ATOM   231 C C   . GLY A 1 36 ? -2.048  -3.290  -5.983  1.00 25.78 ? 34   GLY A C   1 
ATOM   232 O O   . GLY A 1 36 ? -2.989  -2.953  -5.276  1.00 22.88 ? 34   GLY A O   1 
ATOM   233 N N   . GLN A 1 37 ? -1.229  -4.289  -5.669  1.00 23.09 ? 35   GLN A N   1 
ATOM   234 C CA  . GLN A 1 37 ? -1.371  -5.035  -4.428  1.00 24.01 ? 35   GLN A CA  1 
ATOM   235 C C   . GLN A 1 37 ? -0.116  -4.965  -3.571  1.00 27.27 ? 35   GLN A C   1 
ATOM   236 O O   . GLN A 1 37 ? 1.006   -5.069  -4.076  1.00 20.23 ? 35   GLN A O   1 
ATOM   237 C CB  . GLN A 1 37 ? -1.640  -6.497  -4.718  1.00 27.22 ? 35   GLN A CB  1 
ATOM   238 C CG  . GLN A 1 37 ? -2.901  -6.783  -5.469  1.00 27.99 ? 35   GLN A CG  1 
ATOM   239 C CD  . GLN A 1 37 ? -2.978  -8.244  -5.816  1.00 30.53 ? 35   GLN A CD  1 
ATOM   240 O OE1 . GLN A 1 37 ? -3.954  -8.714  -6.395  1.00 31.47 ? 35   GLN A OE1 1 
ATOM   241 N NE2 . GLN A 1 37 ? -1.937  -8.983  -5.455  1.00 30.74 ? 35   GLN A NE2 1 
ATOM   242 N N   . ILE A 1 38 ? -0.315  -4.817  -2.264  1.00 24.24 ? 36   ILE A N   1 
ATOM   243 C CA  . ILE A 1 38 ? 0.803   -4.782  -1.342  1.00 26.66 ? 36   ILE A CA  1 
ATOM   244 C C   . ILE A 1 38 ? 1.458   -6.159  -1.233  1.00 26.53 ? 36   ILE A C   1 
ATOM   245 O O   . ILE A 1 38 ? 0.830   -7.130  -0.819  1.00 27.31 ? 36   ILE A O   1 
ATOM   246 C CB  . ILE A 1 38 ? 0.366   -4.289  0.035   1.00 22.85 ? 36   ILE A CB  1 
ATOM   247 C CG1 . ILE A 1 38 ? -0.092  -2.831  -0.074  1.00 21.15 ? 36   ILE A CG1 1 
ATOM   248 C CG2 . ILE A 1 38 ? 1.505   -4.436  1.012   1.00 22.84 ? 36   ILE A CG2 1 
ATOM   249 C CD1 . ILE A 1 38 ? -0.901  -2.336  1.096   1.00 20.64 ? 36   ILE A CD1 1 
ATOM   250 N N   . GLU A 1 39 ? 2.654   -6.298  -1.794  1.00 23.00 ? 37   GLU A N   1 
ATOM   251 C CA  . GLU A 1 39 ? 3.406   -7.545  -1.672  1.00 23.99 ? 37   GLU A CA  1 
ATOM   252 C C   . GLU A 1 39 ? 3.947   -7.804  -0.263  1.00 28.68 ? 37   GLU A C   1 
ATOM   253 O O   . GLU A 1 39 ? 3.825   -8.902  0.274   1.00 26.52 ? 37   GLU A O   1 
ATOM   254 C CB  . GLU A 1 39 ? 4.533   -7.578  -2.707  1.00 26.81 ? 37   GLU A CB  1 
ATOM   255 C CG  . GLU A 1 39 ? 5.590   -8.639  -2.488  1.00 33.10 ? 37   GLU A CG  1 
ATOM   256 C CD  . GLU A 1 39 ? 6.525   -8.773  -3.680  1.00 39.82 ? 37   GLU A CD  1 
ATOM   257 O OE1 . GLU A 1 39 ? 6.402   -7.966  -4.622  1.00 33.36 ? 37   GLU A OE1 1 
ATOM   258 O OE2 . GLU A 1 39 ? 7.379   -9.683  -3.678  1.00 44.70 ? 37   GLU A OE2 1 
ATOM   259 N N   . SER A 1 40 ? 4.533   -6.766  0.325   1.00 25.55 ? 38   SER A N   1 
ATOM   260 C CA  . SER A 1 40 ? 5.107   -6.816  1.666   1.00 29.34 ? 38   SER A CA  1 
ATOM   261 C C   . SER A 1 40 ? 5.356   -5.404  2.187   1.00 24.51 ? 38   SER A C   1 
ATOM   262 O O   . SER A 1 40 ? 5.310   -4.444  1.427   1.00 24.15 ? 38   SER A O   1 
ATOM   263 C CB  . SER A 1 40 ? 6.403   -7.629  1.696   1.00 30.76 ? 38   SER A CB  1 
ATOM   264 O OG  . SER A 1 40 ? 7.354   -7.115  0.789   1.00 38.63 ? 38   SER A OG  1 
ATOM   265 N N   . PHE A 1 41 ? 5.606   -5.283  3.483   1.00 24.52 ? 39   PHE A N   1 
ATOM   266 C CA  . PHE A 1 41 ? 5.948   -3.998  4.069   1.00 25.62 ? 39   PHE A CA  1 
ATOM   267 C C   . PHE A 1 41 ? 6.825   -4.119  5.309   1.00 26.18 ? 39   PHE A C   1 
ATOM   268 O O   . PHE A 1 41 ? 6.857   -5.147  5.979   1.00 28.72 ? 39   PHE A O   1 
ATOM   269 C CB  . PHE A 1 41 ? 4.690   -3.191  4.396   1.00 22.84 ? 39   PHE A CB  1 
ATOM   270 C CG  . PHE A 1 41 ? 3.899   -3.751  5.535   1.00 31.78 ? 39   PHE A CG  1 
ATOM   271 C CD1 . PHE A 1 41 ? 2.976   -4.753  5.324   1.00 28.77 ? 39   PHE A CD1 1 
ATOM   272 C CD2 . PHE A 1 41 ? 4.085   -3.281  6.820   1.00 31.54 ? 39   PHE A CD2 1 
ATOM   273 C CE1 . PHE A 1 41 ? 2.252   -5.274  6.371   1.00 31.99 ? 39   PHE A CE1 1 
ATOM   274 C CE2 . PHE A 1 41 ? 3.363   -3.798  7.869   1.00 29.72 ? 39   PHE A CE2 1 
ATOM   275 C CZ  . PHE A 1 41 ? 2.446   -4.794  7.644   1.00 32.97 ? 39   PHE A CZ  1 
ATOM   276 N N   . ASP A 1 42 ? 7.522   -3.030  5.596   1.00 30.34 ? 40   ASP A N   1 
ATOM   277 C CA  . ASP A 1 42 ? 8.319   -2.845  6.795   1.00 28.53 ? 40   ASP A CA  1 
ATOM   278 C C   . ASP A 1 42 ? 8.078   -1.393  7.178   1.00 31.97 ? 40   ASP A C   1 
ATOM   279 O O   . ASP A 1 42 ? 7.356   -0.694  6.475   1.00 38.16 ? 40   ASP A O   1 
ATOM   280 C CB  . ASP A 1 42 ? 9.799   -3.172  6.573   1.00 27.56 ? 40   ASP A CB  1 
ATOM   281 C CG  . ASP A 1 42 ? 10.529  -2.112  5.781   1.00 30.76 ? 40   ASP A CG  1 
ATOM   282 O OD1 . ASP A 1 42 ? 9.938   -1.053  5.498   1.00 29.97 ? 40   ASP A OD1 1 
ATOM   283 O OD2 . ASP A 1 42 ? 11.704  -2.347  5.440   1.00 33.82 ? 40   ASP A OD2 1 
ATOM   284 N N   . GLN A 1 43 ? 8.604   -0.946  8.307   1.00 31.51 ? 41   GLN A N   1 
ATOM   285 C CA  . GLN A 1 43 ? 8.234   0.369   8.806   1.00 32.11 ? 41   GLN A CA  1 
ATOM   286 C C   . GLN A 1 43 ? 8.584   1.506   7.835   1.00 30.93 ? 41   GLN A C   1 
ATOM   287 O O   . GLN A 1 43 ? 7.822   2.454   7.697   1.00 37.50 ? 41   GLN A O   1 
ATOM   288 C CB  . GLN A 1 43 ? 8.842   0.602   10.194  1.00 39.03 ? 41   GLN A CB  1 
ATOM   289 C CG  . GLN A 1 43 ? 8.271   -0.328  11.263  1.00 35.72 ? 41   GLN A CG  1 
ATOM   290 C CD  . GLN A 1 43 ? 9.039   -0.291  12.570  1.00 30.61 ? 41   GLN A CD  1 
ATOM   291 O OE1 . GLN A 1 43 ? 10.156  -0.790  12.662  1.00 25.42 ? 41   GLN A OE1 1 
ATOM   292 N NE2 . GLN A 1 43 ? 8.434   0.296   13.591  1.00 28.71 ? 41   GLN A NE2 1 
ATOM   293 N N   . PHE A 1 44 ? 9.748   1.442   7.204   1.00 31.12 ? 42   PHE A N   1 
ATOM   294 C CA  . PHE A 1 44 ? 10.116  2.391   6.143   1.00 32.35 ? 42   PHE A CA  1 
ATOM   295 C C   . PHE A 1 44 ? 9.426   2.358   4.753   1.00 27.25 ? 42   PHE A C   1 
ATOM   296 O O   . PHE A 1 44 ? 9.129   3.402   4.186   1.00 22.96 ? 42   PHE A O   1 
ATOM   297 C CB  . PHE A 1 44 ? 11.638  2.476   6.028   1.00 34.26 ? 42   PHE A CB  1 
ATOM   298 C CG  . PHE A 1 44 ? 12.305  2.732   7.340   1.00 31.31 ? 42   PHE A CG  1 
ATOM   299 C CD1 . PHE A 1 44 ? 12.115  3.932   7.999   1.00 37.54 ? 42   PHE A CD1 1 
ATOM   300 C CD2 . PHE A 1 44 ? 13.081  1.761   7.939   1.00 36.99 ? 42   PHE A CD2 1 
ATOM   301 C CE1 . PHE A 1 44 ? 12.711  4.169   9.216   1.00 42.83 ? 42   PHE A CE1 1 
ATOM   302 C CE2 . PHE A 1 44 ? 13.679  1.990   9.154   1.00 37.82 ? 42   PHE A CE2 1 
ATOM   303 C CZ  . PHE A 1 44 ? 13.493  3.197   9.794   1.00 44.70 ? 42   PHE A CZ  1 
ATOM   304 N N   . VAL A 1 45 ? 9.186   1.170   4.209   1.00 24.94 ? 43   VAL A N   1 
ATOM   305 C CA  . VAL A 1 45 ? 8.767   1.026   2.814   1.00 18.25 ? 43   VAL A CA  1 
ATOM   306 C C   . VAL A 1 45 ? 7.570   0.103   2.633   1.00 22.32 ? 43   VAL A C   1 
ATOM   307 O O   . VAL A 1 45 ? 7.253   -0.703  3.503   1.00 21.55 ? 43   VAL A O   1 
ATOM   308 C CB  . VAL A 1 45 ? 9.923   0.531   1.899   1.00 22.39 ? 43   VAL A CB  1 
ATOM   309 C CG1 . VAL A 1 45 ? 11.097  1.486   1.948   1.00 24.92 ? 43   VAL A CG1 1 
ATOM   310 C CG2 . VAL A 1 45 ? 10.370  -0.864  2.298   1.00 27.22 ? 43   VAL A CG2 1 
ATOM   311 N N   . ILE A 1 46 ? 6.902   0.257   1.493   1.00 19.04 ? 44   ILE A N   1 
ATOM   312 C CA  . ILE A 1 46 ? 5.866   -0.660  1.053   1.00 20.51 ? 44   ILE A CA  1 
ATOM   313 C C   . ILE A 1 46 ? 6.195   -1.105  -0.358  1.00 20.18 ? 44   ILE A C   1 
ATOM   314 O O   . ILE A 1 46 ? 6.383   -0.268  -1.235  1.00 20.78 ? 44   ILE A O   1 
ATOM   315 C CB  . ILE A 1 46 ? 4.501   0.025   0.979   1.00 19.96 ? 44   ILE A CB  1 
ATOM   316 C CG1 . ILE A 1 46 ? 4.009   0.406   2.377   1.00 17.23 ? 44   ILE A CG1 1 
ATOM   317 C CG2 . ILE A 1 46 ? 3.523   -0.878  0.267   1.00 15.72 ? 44   ILE A CG2 1 
ATOM   318 C CD1 . ILE A 1 46 ? 2.795   1.325   2.370   1.00 17.75 ? 44   ILE A CD1 1 
ATOM   319 N N   . LEU A 1 47 ? 6.214   -2.414  -0.574  1.00 22.07 ? 45   LEU A N   1 
ATOM   320 C CA  . LEU A 1 47 ? 6.383   -2.962  -1.908  1.00 20.85 ? 45   LEU A CA  1 
ATOM   321 C C   . LEU A 1 47 ? 5.013   -3.150  -2.535  1.00 20.55 ? 45   LEU A C   1 
ATOM   322 O O   . LEU A 1 47 ? 4.142   -3.797  -1.964  1.00 20.83 ? 45   LEU A O   1 
ATOM   323 C CB  . LEU A 1 47 ? 7.108   -4.301  -1.852  1.00 24.32 ? 45   LEU A CB  1 
ATOM   324 C CG  . LEU A 1 47 ? 8.554   -4.292  -1.365  1.00 26.56 ? 45   LEU A CG  1 
ATOM   325 C CD1 . LEU A 1 47 ? 9.212   -5.626  -1.666  1.00 26.18 ? 45   LEU A CD1 1 
ATOM   326 C CD2 . LEU A 1 47 ? 9.327   -3.154  -2.004  1.00 23.03 ? 45   LEU A CD2 1 
ATOM   327 N N   . LEU A 1 48 ? 4.835   -2.583  -3.719  1.00 18.96 ? 46   LEU A N   1 
ATOM   328 C CA  . LEU A 1 48 ? 3.576   -2.656  -4.437  1.00 20.02 ? 46   LEU A CA  1 
ATOM   329 C C   . LEU A 1 48 ? 3.795   -3.439  -5.721  1.00 24.76 ? 46   LEU A C   1 
ATOM   330 O O   . LEU A 1 48 ? 4.766   -3.205  -6.436  1.00 25.81 ? 46   LEU A O   1 
ATOM   331 C CB  . LEU A 1 48 ? 3.061   -1.253  -4.755  1.00 21.95 ? 46   LEU A CB  1 
ATOM   332 C CG  . LEU A 1 48 ? 1.598   -1.121  -5.174  1.00 23.20 ? 46   LEU A CG  1 
ATOM   333 C CD1 . LEU A 1 48 ? 0.679   -1.541  -4.042  1.00 19.83 ? 46   LEU A CD1 1 
ATOM   334 C CD2 . LEU A 1 48 ? 1.294   0.297   -5.614  1.00 23.37 ? 46   LEU A CD2 1 
ATOM   335 N N   . LYS A 1 49 ? 2.884   -4.355  -6.024  1.00 21.87 ? 47   LYS A N   1 
ATOM   336 C CA  . LYS A 1 49 ? 3.042   -5.187  -7.202  1.00 25.48 ? 47   LYS A CA  1 
ATOM   337 C C   . LYS A 1 49 ? 2.028   -4.915  -8.304  1.00 32.12 ? 47   LYS A C   1 
ATOM   338 O O   . LYS A 1 49 ? 0.821   -4.941  -8.080  1.00 30.95 ? 47   LYS A O   1 
ATOM   339 C CB  . LYS A 1 49 ? 2.981   -6.665  -6.815  1.00 29.03 ? 47   LYS A CB  1 
ATOM   340 C CG  . LYS A 1 49 ? 3.472   -7.607  -7.900  1.00 34.74 ? 47   LYS A CG  1 
ATOM   341 C CD  . LYS A 1 49 ? 4.962   -7.870  -7.756  1.00 37.06 ? 47   LYS A CD  1 
ATOM   342 C CE  . LYS A 1 49 ? 5.489   -8.748  -8.873  1.00 30.41 ? 47   LYS A CE  1 
ATOM   343 N NZ  . LYS A 1 49 ? 6.958   -8.951  -8.756  1.00 33.27 ? 47   LYS A NZ  1 
ATOM   344 N N   . ASN A 1 50 ? 2.554   -4.651  -9.494  1.00 41.72 ? 48   ASN A N   1 
ATOM   345 C CA  . ASN A 1 50 ? 1.831   -4.747  -10.754 1.00 46.51 ? 48   ASN A CA  1 
ATOM   346 C C   . ASN A 1 50 ? 2.650   -5.612  -11.710 1.00 45.92 ? 48   ASN A C   1 
ATOM   347 O O   . ASN A 1 50 ? 2.891   -6.787  -11.440 1.00 46.17 ? 48   ASN A O   1 
ATOM   348 C CB  . ASN A 1 50 ? 1.532   -3.376  -11.355 1.00 46.37 ? 48   ASN A CB  1 
ATOM   349 C CG  . ASN A 1 50 ? 0.236   -3.360  -12.154 1.00 51.83 ? 48   ASN A CG  1 
ATOM   350 O OD1 . ASN A 1 50 ? -0.826  -3.026  -11.629 1.00 45.17 ? 48   ASN A OD1 1 
ATOM   351 N ND2 . ASN A 1 50 ? 0.322   -3.722  -13.428 1.00 56.33 ? 48   ASN A ND2 1 
ATOM   352 N N   . THR A 1 51 ? 3.089   -5.035  -12.822 1.00 41.64 ? 49   THR A N   1 
ATOM   353 C CA  . THR A 1 51 ? 3.954   -5.769  -13.741 1.00 40.32 ? 49   THR A CA  1 
ATOM   354 C C   . THR A 1 51 ? 5.266   -6.136  -13.045 1.00 41.59 ? 49   THR A C   1 
ATOM   355 O O   . THR A 1 51 ? 5.776   -7.239  -13.210 1.00 37.28 ? 49   THR A O   1 
ATOM   356 C CB  . THR A 1 51 ? 4.247   -4.968  -15.027 1.00 49.89 ? 49   THR A CB  1 
ATOM   357 O OG1 . THR A 1 51 ? 3.022   -4.709  -15.724 1.00 45.05 ? 49   THR A OG1 1 
ATOM   358 C CG2 . THR A 1 51 ? 5.175   -5.750  -15.938 1.00 45.12 ? 49   THR A CG2 1 
ATOM   359 N N   . VAL A 1 52 ? 5.793   -5.206  -12.255 1.00 38.26 ? 50   VAL A N   1 
ATOM   360 C CA  . VAL A 1 52 ? 7.011   -5.427  -11.480 1.00 36.11 ? 50   VAL A CA  1 
ATOM   361 C C   . VAL A 1 52 ? 6.815   -4.946  -10.048 1.00 30.63 ? 50   VAL A C   1 
ATOM   362 O O   . VAL A 1 52 ? 5.905   -4.172  -9.772  1.00 33.85 ? 50   VAL A O   1 
ATOM   363 C CB  . VAL A 1 52 ? 8.232   -4.709  -12.086 1.00 33.74 ? 50   VAL A CB  1 
ATOM   364 C CG1 . VAL A 1 52 ? 8.428   -5.116  -13.530 1.00 36.71 ? 50   VAL A CG1 1 
ATOM   365 C CG2 . VAL A 1 52 ? 8.087   -3.203  -11.961 1.00 33.88 ? 50   VAL A CG2 1 
ATOM   366 N N   . SER A 1 53 ? 7.652   -5.420  -9.133  1.00 25.76 ? 51   SER A N   1 
ATOM   367 C CA  . SER A 1 53 ? 7.600   -4.932  -7.763  1.00 27.39 ? 51   SER A CA  1 
ATOM   368 C C   . SER A 1 53 ? 8.353   -3.607  -7.657  1.00 25.45 ? 51   SER A C   1 
ATOM   369 O O   . SER A 1 53 ? 9.540   -3.537  -7.956  1.00 20.50 ? 51   SER A O   1 
ATOM   370 C CB  . SER A 1 53 ? 8.234   -5.944  -6.809  1.00 26.77 ? 51   SER A CB  1 
ATOM   371 O OG  . SER A 1 53 ? 7.519   -7.162  -6.783  1.00 24.79 ? 51   SER A OG  1 
ATOM   372 N N   . GLN A 1 54 ? 7.667   -2.562  -7.208  1.00 21.22 ? 52   GLN A N   1 
ATOM   373 C CA  . GLN A 1 54 ? 8.323   -1.278  -6.970  1.00 22.94 ? 52   GLN A CA  1 
ATOM   374 C C   . GLN A 1 54 ? 8.405   -0.955  -5.494  1.00 21.33 ? 52   GLN A C   1 
ATOM   375 O O   . GLN A 1 54 ? 7.551   -1.368  -4.716  1.00 21.16 ? 52   GLN A O   1 
ATOM   376 C CB  . GLN A 1 54 ? 7.683   -0.135  -7.762  1.00 20.62 ? 52   GLN A CB  1 
ATOM   377 C CG  . GLN A 1 54 ? 6.271   0.203   -7.410  1.00 21.93 ? 52   GLN A CG  1 
ATOM   378 C CD  . GLN A 1 54 ? 5.711   1.322   -8.285  1.00 29.39 ? 52   GLN A CD  1 
ATOM   379 O OE1 . GLN A 1 54 ? 6.306   2.399   -8.410  1.00 27.61 ? 52   GLN A OE1 1 
ATOM   380 N NE2 . GLN A 1 54 ? 4.562   1.065   -8.902  1.00 32.23 ? 52   GLN A NE2 1 
ATOM   381 N N   . MET A 1 55 ? 9.443   -0.226  -5.108  1.00 20.86 ? 53   MET A N   1 
ATOM   382 C CA  . MET A 1 55 ? 9.599   0.125   -3.716  1.00 18.72 ? 53   MET A CA  1 
ATOM   383 C C   . MET A 1 55 ? 9.058   1.519   -3.440  1.00 16.96 ? 53   MET A C   1 
ATOM   384 O O   . MET A 1 55 ? 9.550   2.511   -3.966  1.00 16.72 ? 53   MET A O   1 
ATOM   385 C CB  . MET A 1 55 ? 11.053  -0.005  -3.277  1.00 17.57 ? 53   MET A CB  1 
ATOM   386 C CG  . MET A 1 55 ? 11.243  0.223   -1.808  1.00 18.37 ? 53   MET A CG  1 
ATOM   387 S SD  . MET A 1 55 ? 12.914  -0.160  -1.279  1.00 18.69 ? 53   MET A SD  1 
ATOM   388 C CE  . MET A 1 55 ? 13.819  1.176   -2.091  1.00 18.13 ? 53   MET A CE  1 
ATOM   389 N N   . VAL A 1 56 ? 8.031   1.568   -2.599  1.00 17.53 ? 54   VAL A N   1 
ATOM   390 C CA  . VAL A 1 56 ? 7.390   2.807   -2.206  1.00 16.57 ? 54   VAL A CA  1 
ATOM   391 C C   . VAL A 1 56 ? 7.819   3.215   -0.788  1.00 16.89 ? 54   VAL A C   1 
ATOM   392 O O   . VAL A 1 56 ? 7.624   2.460   0.168   1.00 15.83 ? 54   VAL A O   1 
ATOM   393 C CB  . VAL A 1 56 ? 5.852   2.696   -2.268  1.00 14.51 ? 54   VAL A CB  1 
ATOM   394 C CG1 . VAL A 1 56 ? 5.246   4.072   -2.137  1.00 17.23 ? 54   VAL A CG1 1 
ATOM   395 C CG2 . VAL A 1 56 ? 5.411   2.064   -3.577  1.00 14.90 ? 54   VAL A CG2 1 
ATOM   396 N N   . TYR A 1 57 ? 8.411   4.404   -0.672  1.00 15.37 ? 55   TYR A N   1 
ATOM   397 C CA  . TYR A 1 57 ? 8.799   4.964   0.623   1.00 16.57 ? 55   TYR A CA  1 
ATOM   398 C C   . TYR A 1 57 ? 7.606   5.577   1.349   1.00 15.51 ? 55   TYR A C   1 
ATOM   399 O O   . TYR A 1 57 ? 6.978   6.510   0.851   1.00 16.02 ? 55   TYR A O   1 
ATOM   400 C CB  . TYR A 1 57 ? 9.894   6.014   0.449   1.00 15.93 ? 55   TYR A CB  1 
ATOM   401 C CG  . TYR A 1 57 ? 11.267  5.427   0.202   1.00 15.83 ? 55   TYR A CG  1 
ATOM   402 C CD1 . TYR A 1 57 ? 12.043  4.974   1.261   1.00 18.13 ? 55   TYR A CD1 1 
ATOM   403 C CD2 . TYR A 1 57 ? 11.783  5.317   -1.080  1.00 16.92 ? 55   TYR A CD2 1 
ATOM   404 C CE1 . TYR A 1 57 ? 13.290  4.441   1.051   1.00 19.52 ? 55   TYR A CE1 1 
ATOM   405 C CE2 . TYR A 1 57 ? 13.039  4.773   -1.302  1.00 18.76 ? 55   TYR A CE2 1 
ATOM   406 C CZ  . TYR A 1 57 ? 13.785  4.336   -0.230  1.00 21.12 ? 55   TYR A CZ  1 
ATOM   407 O OH  . TYR A 1 57 ? 15.037  3.788   -0.433  1.00 18.97 ? 55   TYR A OH  1 
ATOM   408 N N   . LYS A 1 58 ? 7.302   5.047   2.527   1.00 15.98 ? 56   LYS A N   1 
ATOM   409 C CA  . LYS A 1 58 ? 6.185   5.530   3.324   1.00 15.22 ? 56   LYS A CA  1 
ATOM   410 C C   . LYS A 1 58 ? 6.222   7.045   3.552   1.00 13.46 ? 56   LYS A C   1 
ATOM   411 O O   . LYS A 1 58 ? 5.185   7.700   3.644   1.00 12.70 ? 56   LYS A O   1 
ATOM   412 C CB  . LYS A 1 58 ? 6.128   4.785   4.656   1.00 15.48 ? 56   LYS A CB  1 
ATOM   413 C CG  . LYS A 1 58 ? 5.695   3.317   4.539   1.00 22.11 ? 56   LYS A CG  1 
ATOM   414 C CD  . LYS A 1 58 ? 5.458   2.697   5.927   1.00 23.30 ? 56   LYS A CD  1 
ATOM   415 C CE  . LYS A 1 58 ? 4.714   1.378   5.851   1.00 24.84 ? 56   LYS A CE  1 
ATOM   416 N NZ  . LYS A 1 58 ? 4.638   0.732   7.189   1.00 27.74 ? 56   LYS A NZ  1 
ATOM   417 N N   . HIS A 1 59 ? 7.416   7.610   3.643   1.00 16.19 ? 57   HIS A N   1 
ATOM   418 C CA  . HIS A 1 59 ? 7.528   9.032   3.919   1.00 11.76 ? 57   HIS A CA  1 
ATOM   419 C C   . HIS A 1 59 ? 6.999   9.841   2.755   1.00 12.86 ? 57   HIS A C   1 
ATOM   420 O O   . HIS A 1 59 ? 6.722   11.038  2.889   1.00 17.59 ? 57   HIS A O   1 
ATOM   421 C CB  . HIS A 1 59 ? 8.973   9.426   4.223   1.00 13.38 ? 57   HIS A CB  1 
ATOM   422 C CG  . HIS A 1 59 ? 9.883   9.350   3.032   1.00 15.89 ? 57   HIS A CG  1 
ATOM   423 N ND1 . HIS A 1 59 ? 11.023  8.575   3.020   1.00 12.91 ? 57   HIS A ND1 1 
ATOM   424 C CD2 . HIS A 1 59 ? 9.816   9.947   1.820   1.00 13.73 ? 57   HIS A CD2 1 
ATOM   425 C CE1 . HIS A 1 59 ? 11.614  8.697   1.845   1.00 15.82 ? 57   HIS A CE1 1 
ATOM   426 N NE2 . HIS A 1 59 ? 10.907  9.522   1.098   1.00 14.92 ? 57   HIS A NE2 1 
ATOM   427 N N   . ALA A 1 60 ? 6.865   9.202   1.604   1.00 12.72 ? 58   ALA A N   1 
ATOM   428 C CA  . ALA A 1 60 ? 6.326   9.878   0.435   1.00 13.45 ? 58   ALA A CA  1 
ATOM   429 C C   . ALA A 1 60 ? 4.898   9.444   0.154   1.00 15.04 ? 58   ALA A C   1 
ATOM   430 O O   . ALA A 1 60 ? 4.338   9.785   -0.880  1.00 13.87 ? 58   ALA A O   1 
ATOM   431 C CB  . ALA A 1 60 ? 7.184   9.606   -0.772  1.00 14.34 ? 58   ALA A CB  1 
ATOM   432 N N   . ILE A 1 61 ? 4.315   8.676   1.068   1.00 14.88 ? 59   ILE A N   1 
ATOM   433 C CA  . ILE A 1 61 ? 2.915   8.301   0.950   1.00 15.71 ? 59   ILE A CA  1 
ATOM   434 C C   . ILE A 1 61 ? 2.016   9.237   1.743   1.00 16.89 ? 59   ILE A C   1 
ATOM   435 O O   . ILE A 1 61 ? 2.299   9.542   2.903   1.00 15.93 ? 59   ILE A O   1 
ATOM   436 C CB  . ILE A 1 61 ? 2.660   6.884   1.471   1.00 14.93 ? 59   ILE A CB  1 
ATOM   437 C CG1 . ILE A 1 61 ? 3.339   5.853   0.586   1.00 13.17 ? 59   ILE A CG1 1 
ATOM   438 C CG2 . ILE A 1 61 ? 1.156   6.617   1.540   1.00 17.32 ? 59   ILE A CG2 1 
ATOM   439 C CD1 . ILE A 1 61 ? 3.215   4.444   1.116   1.00 14.61 ? 59   ILE A CD1 1 
ATOM   440 N N   . SER A 1 62 ? 0.918   9.676   1.129   1.00 17.20 ? 60   SER A N   1 
ATOM   441 C CA  . SER A 1 62 ? -0.051  10.521  1.818   1.00 15.97 ? 60   SER A CA  1 
ATOM   442 C C   . SER A 1 62 ? -1.181  9.695   2.413   1.00 14.38 ? 60   SER A C   1 
ATOM   443 O O   . SER A 1 62 ? -1.551  9.871   3.573   1.00 16.82 ? 60   SER A O   1 
ATOM   444 C CB  . SER A 1 62 ? -0.620  11.592  0.886   1.00 21.10 ? 60   SER A CB  1 
ATOM   445 O OG  . SER A 1 62 ? -1.348  11.027  -0.189  1.00 21.02 ? 60   SER A OG  1 
ATOM   446 N N   . THR A 1 63 ? -1.718  8.773   1.624   1.00 17.65 ? 61   THR A N   1 
ATOM   447 C CA  . THR A 1 63 ? -2.794  7.911   2.095   1.00 16.18 ? 61   THR A CA  1 
ATOM   448 C C   . THR A 1 63 ? -2.842  6.597   1.336   1.00 20.31 ? 61   THR A C   1 
ATOM   449 O O   . THR A 1 63 ? -2.401  6.501   0.187   1.00 18.85 ? 61   THR A O   1 
ATOM   450 C CB  . THR A 1 63 ? -4.148  8.582   1.941   1.00 18.44 ? 61   THR A CB  1 
ATOM   451 O OG1 . THR A 1 63 ? -5.115  7.862   2.714   1.00 22.70 ? 61   THR A OG1 1 
ATOM   452 C CG2 . THR A 1 63 ? -4.566  8.594   0.473   1.00 21.60 ? 61   THR A CG2 1 
ATOM   453 N N   . VAL A 1 64 ? -3.395  5.591   1.996   1.00 19.02 ? 62   VAL A N   1 
ATOM   454 C CA  . VAL A 1 64 ? -3.532  4.267   1.438   1.00 16.06 ? 62   VAL A CA  1 
ATOM   455 C C   . VAL A 1 64 ? -5.013  3.932   1.351   1.00 17.68 ? 62   VAL A C   1 
ATOM   456 O O   . VAL A 1 64 ? -5.693  3.829   2.368   1.00 19.12 ? 62   VAL A O   1 
ATOM   457 C CB  . VAL A 1 64 ? -2.836  3.259   2.339   1.00 16.92 ? 62   VAL A CB  1 
ATOM   458 C CG1 . VAL A 1 64 ? -2.941  1.856   1.755   1.00 13.20 ? 62   VAL A CG1 1 
ATOM   459 C CG2 . VAL A 1 64 ? -1.380  3.686   2.554   1.00 16.27 ? 62   VAL A CG2 1 
ATOM   460 N N   . VAL A 1 65 ? -5.497  3.749   0.130   1.00 18.27 ? 63   VAL A N   1 
ATOM   461 C CA  . VAL A 1 65 ? -6.924  3.621   -0.140  1.00 20.99 ? 63   VAL A CA  1 
ATOM   462 C C   . VAL A 1 65 ? -7.310  2.241   -0.690  1.00 26.14 ? 63   VAL A C   1 
ATOM   463 O O   . VAL A 1 65 ? -7.107  1.961   -1.870  1.00 26.92 ? 63   VAL A O   1 
ATOM   464 C CB  . VAL A 1 65 ? -7.371  4.699   -1.158  1.00 22.37 ? 63   VAL A CB  1 
ATOM   465 C CG1 . VAL A 1 65 ? -8.825  4.514   -1.527  1.00 19.75 ? 63   VAL A CG1 1 
ATOM   466 C CG2 . VAL A 1 65 ? -7.122  6.100   -0.608  1.00 23.17 ? 63   VAL A CG2 1 
ATOM   467 N N   . PRO A 1 66 ? -7.873  1.368   0.161   1.00 22.65 ? 64   PRO A N   1 
ATOM   468 C CA  . PRO A 1 66 ? -8.365  0.079   -0.334  1.00 23.36 ? 64   PRO A CA  1 
ATOM   469 C C   . PRO A 1 66 ? -9.456  0.280   -1.392  1.00 27.51 ? 64   PRO A C   1 
ATOM   470 O O   . PRO A 1 66 ? -10.145 1.299   -1.357  1.00 29.56 ? 64   PRO A O   1 
ATOM   471 C CB  . PRO A 1 66 ? -8.967  -0.565  0.917   1.00 24.88 ? 64   PRO A CB  1 
ATOM   472 C CG  . PRO A 1 66 ? -8.327  0.134   2.070   1.00 21.65 ? 64   PRO A CG  1 
ATOM   473 C CD  . PRO A 1 66 ? -8.081  1.529   1.610   1.00 20.99 ? 64   PRO A CD  1 
ATOM   474 N N   . SER A 1 67 ? -9.609  -0.665  -2.317  1.00 25.46 ? 65   SER A N   1 
ATOM   475 C CA  . SER A 1 67 ? -10.602 -0.520  -3.384  1.00 28.07 ? 65   SER A CA  1 
ATOM   476 C C   . SER A 1 67 ? -11.913 -1.251  -3.065  1.00 30.51 ? 65   SER A C   1 
ATOM   477 O O   . SER A 1 67 ? -12.820 -1.331  -3.898  1.00 32.84 ? 65   SER A O   1 
ATOM   478 C CB  . SER A 1 67 ? -10.037 -1.003  -4.721  1.00 27.37 ? 65   SER A CB  1 
ATOM   479 O OG  . SER A 1 67 ? -10.078 -2.415  -4.797  1.00 29.89 ? 65   SER A OG  1 
ATOM   480 N N   . ARG A 1 68 ? -12.004 -1.787  -1.854  1.00 26.91 ? 66   ARG A N   1 
ATOM   481 C CA  . ARG A 1 68 ? -13.224 -2.418  -1.369  1.00 28.51 ? 66   ARG A CA  1 
ATOM   482 C C   . ARG A 1 68 ? -13.067 -2.589  0.133   1.00 31.13 ? 66   ARG A C   1 
ATOM   483 O O   . ARG A 1 68 ? -11.943 -2.672  0.635   1.00 24.07 ? 66   ARG A O   1 
ATOM   484 C CB  . ARG A 1 68 ? -13.446 -3.777  -2.029  1.00 31.65 ? 66   ARG A CB  1 
ATOM   485 C CG  . ARG A 1 68 ? -12.450 -4.829  -1.572  1.00 33.22 ? 66   ARG A CG  1 
ATOM   486 C CD  . ARG A 1 68 ? -12.840 -6.229  -1.999  1.00 38.71 ? 66   ARG A CD  1 
ATOM   487 N NE  . ARG A 1 68 ? -11.832 -7.211  -1.604  1.00 34.36 ? 66   ARG A NE  1 
ATOM   488 C CZ  . ARG A 1 68 ? -11.804 -7.830  -0.429  1.00 35.14 ? 66   ARG A CZ  1 
ATOM   489 N NH1 . ARG A 1 68 ? -12.731 -7.576  0.486   1.00 34.45 ? 66   ARG A NH1 1 
ATOM   490 N NH2 . ARG A 1 68 ? -10.845 -8.708  -0.169  1.00 38.49 ? 66   ARG A NH2 1 
ATOM   491 N N   . PRO A 1 69 ? -14.196 -2.629  0.859   1.00 35.00 ? 67   PRO A N   1 
ATOM   492 C CA  . PRO A 1 69 ? -14.202 -2.699  2.322   1.00 27.42 ? 67   PRO A CA  1 
ATOM   493 C C   . PRO A 1 69 ? -13.362 -3.862  2.796   1.00 30.73 ? 67   PRO A C   1 
ATOM   494 O O   . PRO A 1 69 ? -13.432 -4.934  2.211   1.00 28.05 ? 67   PRO A O   1 
ATOM   495 C CB  . PRO A 1 69 ? -15.671 -2.955  2.650   1.00 33.32 ? 67   PRO A CB  1 
ATOM   496 C CG  . PRO A 1 69 ? -16.412 -2.340  1.518   1.00 37.66 ? 67   PRO A CG  1 
ATOM   497 C CD  . PRO A 1 69 ? -15.559 -2.591  0.305   1.00 36.48 ? 67   PRO A CD  1 
ATOM   498 N N   . VAL A 1 70 ? -12.569 -3.645  3.838   1.00 31.82 ? 68   VAL A N   1 
ATOM   499 C CA  . VAL A 1 70 ? -11.690 -4.686  4.339   1.00 32.11 ? 68   VAL A CA  1 
ATOM   500 C C   . VAL A 1 70 ? -11.857 -4.891  5.836   1.00 34.19 ? 68   VAL A C   1 
ATOM   501 O O   . VAL A 1 70 ? -11.736 -3.945  6.626   1.00 31.24 ? 68   VAL A O   1 
ATOM   502 C CB  . VAL A 1 70 ? -10.225 -4.345  4.073   1.00 26.00 ? 68   VAL A CB  1 
ATOM   503 C CG1 . VAL A 1 70 ? -9.338  -5.447  4.610   1.00 27.51 ? 68   VAL A CG1 1 
ATOM   504 C CG2 . VAL A 1 70 ? -9.995  -4.156  2.591   1.00 26.36 ? 68   VAL A CG2 1 
ATOM   505 N N   . SER A 1 71 ? -12.117 -6.136  6.216   1.00 32.07 ? 69   SER A N   1 
ATOM   506 C CA  . SER A 1 71 ? -12.345 -6.479  7.611   1.00 33.82 ? 69   SER A CA  1 
ATOM   507 C C   . SER A 1 71 ? -11.045 -6.389  8.409   1.00 34.67 ? 69   SER A C   1 
ATOM   508 O O   . SER A 1 71 ? -10.115 -7.171  8.192   1.00 33.86 ? 69   SER A O   1 
ATOM   509 C CB  . SER A 1 71 ? -12.940 -7.883  7.712   1.00 37.88 ? 69   SER A CB  1 
ATOM   510 O OG  . SER A 1 71 ? -13.774 -8.147  6.601   1.00 36.06 ? 69   SER A OG  1 
HETATM 511 O O   . HOH B 2 .  ? -0.988  -8.234  12.507  1.00 38.37 ? 2001 HOH A O   1 
HETATM 512 O O   . HOH B 2 .  ? -2.832  -5.747  -1.355  1.00 19.38 ? 2002 HOH A O   1 
HETATM 513 O O   . HOH B 2 .  ? -10.379 -12.280 -0.057  1.00 30.56 ? 2003 HOH A O   1 
HETATM 514 O O   . HOH B 2 .  ? -8.920  2.170   -4.872  1.00 34.59 ? 2004 HOH A O   1 
HETATM 515 O O   . HOH B 2 .  ? 6.081   10.740  -7.655  1.00 25.73 ? 2005 HOH A O   1 
HETATM 516 O O   . HOH B 2 .  ? -4.893  13.187  -6.722  1.00 27.41 ? 2006 HOH A O   1 
HETATM 517 O O   . HOH B 2 .  ? 0.220   -9.531  -6.698  1.00 30.34 ? 2007 HOH A O   1 
HETATM 518 O O   . HOH B 2 .  ? 5.881   -7.947  5.249   1.00 27.34 ? 2008 HOH A O   1 
HETATM 519 O O   . HOH B 2 .  ? 9.617   6.059   4.943   1.00 20.71 ? 2009 HOH A O   1 
HETATM 520 O O   . HOH B 2 .  ? 12.478  7.605   5.770   1.00 26.29 ? 2010 HOH A O   1 
HETATM 521 O O   . HOH B 2 .  ? -12.348 -0.744  4.543   1.00 26.04 ? 2011 HOH A O   1 
# 
loop_
_pdbx_poly_seq_scheme.asym_id 
_pdbx_poly_seq_scheme.entity_id 
_pdbx_poly_seq_scheme.seq_id 
_pdbx_poly_seq_scheme.mon_id 
_pdbx_poly_seq_scheme.ndb_seq_num 
_pdbx_poly_seq_scheme.pdb_seq_num 
_pdbx_poly_seq_scheme.auth_seq_num 
_pdbx_poly_seq_scheme.pdb_mon_id 
_pdbx_poly_seq_scheme.auth_mon_id 
_pdbx_poly_seq_scheme.pdb_strand_id 
_pdbx_poly_seq_scheme.pdb_ins_code 
_pdbx_poly_seq_scheme.hetero 
A 1 1   GLY 1   -1  ?  ?   ?   A . n 
A 1 2   ALA 2   0   ?  ?   ?   A . n 
A 1 3   MET 3   1   ?  ?   ?   A . n 
A 1 4   ALA 4   2   ?  ?   ?   A . n 
A 1 5   LYS 5   3   ?  ?   ?   A . n 
A 1 6   GLY 6   4   ?  ?   ?   A . n 
A 1 7   GLN 7   5   ?  ?   ?   A . n 
A 1 8   SER 8   6   6  SER SER A . n 
A 1 9   LEU 9   7   7  LEU LEU A . n 
A 1 10  GLN 10  8   8  GLN GLN A . n 
A 1 11  ASP 11  9   9  ASP ASP A . n 
A 1 12  PRO 12  10  10 PRO PRO A . n 
A 1 13  PHE 13  11  11 PHE PHE A . n 
A 1 14  LEU 14  12  12 LEU LEU A . n 
A 1 15  ASN 15  13  13 ASN ASN A . n 
A 1 16  ALA 16  14  14 ALA ALA A . n 
A 1 17  LEU 17  15  15 LEU LEU A . n 
A 1 18  ARG 18  16  16 ARG ARG A . n 
A 1 19  ARG 19  17  17 ARG ARG A . n 
A 1 20  GLU 20  18  18 GLU GLU A . n 
A 1 21  ARG 21  19  19 ARG ARG A . n 
A 1 22  VAL 22  20  20 VAL VAL A . n 
A 1 23  PRO 23  21  21 PRO PRO A . n 
A 1 24  VAL 24  22  22 VAL VAL A . n 
A 1 25  SER 25  23  23 SER SER A . n 
A 1 26  ILE 26  24  24 ILE ILE A . n 
A 1 27  TYR 27  25  25 TYR TYR A . n 
A 1 28  LEU 28  26  26 LEU LEU A . n 
A 1 29  VAL 29  27  27 VAL VAL A . n 
A 1 30  ASN 30  28  28 ASN ASN A . n 
A 1 31  GLY 31  29  29 GLY GLY A . n 
A 1 32  ILE 32  30  30 ILE ILE A . n 
A 1 33  LYS 33  31  31 LYS LYS A . n 
A 1 34  LEU 34  32  32 LEU LEU A . n 
A 1 35  GLN 35  33  33 GLN GLN A . n 
A 1 36  GLY 36  34  34 GLY GLY A . n 
A 1 37  GLN 37  35  35 GLN GLN A . n 
A 1 38  ILE 38  36  36 ILE ILE A . n 
A 1 39  GLU 39  37  37 GLU GLU A . n 
A 1 40  SER 40  38  38 SER SER A . n 
A 1 41  PHE 41  39  39 PHE PHE A . n 
A 1 42  ASP 42  40  40 ASP ASP A . n 
A 1 43  GLN 43  41  41 GLN GLN A . n 
A 1 44  PHE 44  42  42 PHE PHE A . n 
A 1 45  VAL 45  43  43 VAL VAL A . n 
A 1 46  ILE 46  44  44 ILE ILE A . n 
A 1 47  LEU 47  45  45 LEU LEU A . n 
A 1 48  LEU 48  46  46 LEU LEU A . n 
A 1 49  LYS 49  47  47 LYS LYS A . n 
A 1 50  ASN 50  48  48 ASN ASN A . n 
A 1 51  THR 51  49  49 THR THR A . n 
A 1 52  VAL 52  50  50 VAL VAL A . n 
A 1 53  SER 53  51  51 SER SER A . n 
A 1 54  GLN 54  52  52 GLN GLN A . n 
A 1 55  MET 55  53  53 MET MET A . n 
A 1 56  VAL 56  54  54 VAL VAL A . n 
A 1 57  TYR 57  55  55 TYR TYR A . n 
A 1 58  LYS 58  56  56 LYS LYS A . n 
A 1 59  HIS 59  57  57 HIS HIS A . n 
A 1 60  ALA 60  58  58 ALA ALA A . n 
A 1 61  ILE 61  59  59 ILE ILE A . n 
A 1 62  SER 62  60  60 SER SER A . n 
A 1 63  THR 63  61  61 THR THR A . n 
A 1 64  VAL 64  62  62 VAL VAL A . n 
A 1 65  VAL 65  63  63 VAL VAL A . n 
A 1 66  PRO 66  64  64 PRO PRO A . n 
A 1 67  SER 67  65  65 SER SER A . n 
A 1 68  ARG 68  66  66 ARG ARG A . n 
A 1 69  PRO 69  67  67 PRO PRO A . n 
A 1 70  VAL 70  68  68 VAL VAL A . n 
A 1 71  SER 71  69  69 SER SER A . n 
A 1 72  HIS 72  70  ?  ?   ?   A . n 
A 1 73  HIS 73  71  ?  ?   ?   A . n 
A 1 74  SER 74  72  ?  ?   ?   A . n 
A 1 75  ASN 75  73  ?  ?   ?   A . n 
A 1 76  ASN 76  74  ?  ?   ?   A . n 
A 1 77  ALA 77  75  ?  ?   ?   A . n 
A 1 78  GLY 78  76  ?  ?   ?   A . n 
A 1 79  GLY 79  77  ?  ?   ?   A . n 
A 1 80  GLY 80  78  ?  ?   ?   A . n 
A 1 81  THR 81  79  ?  ?   ?   A . n 
A 1 82  SER 82  80  ?  ?   ?   A . n 
A 1 83  SER 83  81  ?  ?   ?   A . n 
A 1 84  ASN 84  82  ?  ?   ?   A . n 
A 1 85  TYR 85  83  ?  ?   ?   A . n 
A 1 86  HIS 86  84  ?  ?   ?   A . n 
A 1 87  HIS 87  85  ?  ?   ?   A . n 
A 1 88  GLY 88  86  ?  ?   ?   A . n 
A 1 89  SER 89  87  ?  ?   ?   A . n 
A 1 90  SER 90  88  ?  ?   ?   A . n 
A 1 91  ALA 91  89  ?  ?   ?   A . n 
A 1 92  GLN 92  90  ?  ?   ?   A . n 
A 1 93  ASN 93  91  ?  ?   ?   A . n 
A 1 94  THR 94  92  ?  ?   ?   A . n 
A 1 95  SER 95  93  ?  ?   ?   A . n 
A 1 96  ALA 96  94  ?  ?   ?   A . n 
A 1 97  GLN 97  95  ?  ?   ?   A . n 
A 1 98  GLN 98  96  ?  ?   ?   A . n 
A 1 99  ASP 99  97  ?  ?   ?   A . n 
A 1 100 SER 100 98  ?  ?   ?   A . n 
A 1 101 GLU 101 99  ?  ?   ?   A . n 
A 1 102 GLU 102 100 ?  ?   ?   A . n 
A 1 103 THR 103 101 ?  ?   ?   A . n 
A 1 104 GLU 104 102 ?  ?   ?   A . n 
# 
loop_
_pdbx_nonpoly_scheme.asym_id 
_pdbx_nonpoly_scheme.entity_id 
_pdbx_nonpoly_scheme.mon_id 
_pdbx_nonpoly_scheme.ndb_seq_num 
_pdbx_nonpoly_scheme.pdb_seq_num 
_pdbx_nonpoly_scheme.auth_seq_num 
_pdbx_nonpoly_scheme.pdb_mon_id 
_pdbx_nonpoly_scheme.auth_mon_id 
_pdbx_nonpoly_scheme.pdb_strand_id 
_pdbx_nonpoly_scheme.pdb_ins_code 
B 2 HOH 1  2001 2001 HOH HOH A . 
B 2 HOH 2  2002 2002 HOH HOH A . 
B 2 HOH 3  2003 2003 HOH HOH A . 
B 2 HOH 4  2004 2004 HOH HOH A . 
B 2 HOH 5  2005 2005 HOH HOH A . 
B 2 HOH 6  2006 2006 HOH HOH A . 
B 2 HOH 7  2007 2007 HOH HOH A . 
B 2 HOH 8  2008 2008 HOH HOH A . 
B 2 HOH 9  2009 2009 HOH HOH A . 
B 2 HOH 10 2010 2010 HOH HOH A . 
B 2 HOH 11 2011 2011 HOH HOH A . 
# 
_pdbx_struct_assembly.id                   1 
_pdbx_struct_assembly.details              author_and_software_defined_assembly 
_pdbx_struct_assembly.method_details       PISA 
_pdbx_struct_assembly.oligomeric_details   hexameric 
_pdbx_struct_assembly.oligomeric_count     6 
# 
_pdbx_struct_assembly_gen.assembly_id       1 
_pdbx_struct_assembly_gen.oper_expression   1,2,3,4,5,6 
_pdbx_struct_assembly_gen.asym_id_list      A,B 
# 
loop_
_pdbx_struct_assembly_prop.biol_id 
_pdbx_struct_assembly_prop.type 
_pdbx_struct_assembly_prop.value 
_pdbx_struct_assembly_prop.details 
1 'ABSA (A^2)' 8520  ? 
1 MORE         -71.1 ? 
1 'SSA (A^2)'  18490 ? 
# 
loop_
_pdbx_struct_oper_list.id 
_pdbx_struct_oper_list.type 
_pdbx_struct_oper_list.name 
_pdbx_struct_oper_list.symmetry_operation 
_pdbx_struct_oper_list.matrix[1][1] 
_pdbx_struct_oper_list.matrix[1][2] 
_pdbx_struct_oper_list.matrix[1][3] 
_pdbx_struct_oper_list.vector[1] 
_pdbx_struct_oper_list.matrix[2][1] 
_pdbx_struct_oper_list.matrix[2][2] 
_pdbx_struct_oper_list.matrix[2][3] 
_pdbx_struct_oper_list.vector[2] 
_pdbx_struct_oper_list.matrix[3][1] 
_pdbx_struct_oper_list.matrix[3][2] 
_pdbx_struct_oper_list.matrix[3][3] 
_pdbx_struct_oper_list.vector[3] 
1 'identity operation'         1_555 x,y,z     1.0000000000  0.0000000000  0.0000000000  0.0000000000  0.0000000000  1.0000000000  0.0000000000  0.0000000000  0.0000000000  0.0000000000  1.0000000000 0.0000000000  
2 'crystal symmetry operation' 3_555 -x+y,-x,z -0.2582397888 -0.9538419178 0.1532899451  26.5637053245 0.4757751405  -0.2636626779 -0.8391185899 20.1119201585 0.8408033225  -0.1437622623 0.5219024668 -3.2484408323 
3 'crystal symmetry operation' 6_555 x-y,x,z   0.5805867371  0.6351307330  0.5094389000  -8.8396658692 -0.7944863254 0.5787791074  0.1838646884  13.4115833840 -0.1780744775 -0.5114916392 0.8406341556 10.7492845693 
4 'crystal symmetry operation' 4_555 -x,-y,z   -0.6776530518 -0.3187111849 0.6627288450  17.7240394554 -0.3187111849 -0.6848835706 -0.6552539015 33.5235035426 0.6627288450  -0.6552539015 0.3625366223 7.5008437370  
5 'crystal symmetry operation' 2_555 -y,x-y,z  -0.2582397888 0.4757751405  0.8408033225  0.0223538585  -0.9538419178 -0.2636626779 -0.1437622623 30.1733351553 0.1532899451  -0.8391185899 0.5219024668 14.4997064378 
6 'crystal symmetry operation' 5_555 y,-x+y,z  0.5805867371  -0.7944863254 -0.1780744775 17.7016855969 0.6351307330  0.5787791074  -0.5114916392 3.3501683872  0.5094389000  0.1838646884  0.8406341556 -6.9988627008 
# 
loop_
_pdbx_audit_revision_history.ordinal 
_pdbx_audit_revision_history.data_content_type 
_pdbx_audit_revision_history.major_revision 
_pdbx_audit_revision_history.minor_revision 
_pdbx_audit_revision_history.revision_date 
1 'Structure model' 1 0 2011-12-21 
2 'Structure model' 1 1 2019-05-08 
3 'Structure model' 1 2 2019-05-15 
4 'Structure model' 1 3 2023-12-20 
# 
_pdbx_audit_revision_details.ordinal             1 
_pdbx_audit_revision_details.revision_ordinal    1 
_pdbx_audit_revision_details.data_content_type   'Structure model' 
_pdbx_audit_revision_details.provider            repository 
_pdbx_audit_revision_details.type                'Initial release' 
_pdbx_audit_revision_details.description         ? 
_pdbx_audit_revision_details.details             ? 
# 
loop_
_pdbx_audit_revision_group.ordinal 
_pdbx_audit_revision_group.revision_ordinal 
_pdbx_audit_revision_group.data_content_type 
_pdbx_audit_revision_group.group 
1 2 'Structure model' 'Data collection'          
2 2 'Structure model' 'Experimental preparation' 
3 2 'Structure model' Other                      
4 3 'Structure model' 'Data collection'          
5 3 'Structure model' 'Experimental preparation' 
6 4 'Structure model' 'Data collection'          
7 4 'Structure model' 'Database references'      
8 4 'Structure model' Other                      
9 4 'Structure model' 'Refinement description'   
# 
loop_
_pdbx_audit_revision_category.ordinal 
_pdbx_audit_revision_category.revision_ordinal 
_pdbx_audit_revision_category.data_content_type 
_pdbx_audit_revision_category.category 
1  2 'Structure model' database_PDB_rev              
2  2 'Structure model' database_PDB_rev_record       
3  2 'Structure model' exptl_crystal_grow            
4  2 'Structure model' pdbx_database_proc            
5  2 'Structure model' pdbx_database_status          
6  3 'Structure model' exptl_crystal_grow            
7  4 'Structure model' chem_comp_atom                
8  4 'Structure model' chem_comp_bond                
9  4 'Structure model' database_2                    
10 4 'Structure model' pdbx_database_status          
11 4 'Structure model' pdbx_initial_refinement_model 
# 
loop_
_pdbx_audit_revision_item.ordinal 
_pdbx_audit_revision_item.revision_ordinal 
_pdbx_audit_revision_item.data_content_type 
_pdbx_audit_revision_item.item 
1 2 'Structure model' '_exptl_crystal_grow.method'                  
2 2 'Structure model' '_pdbx_database_status.recvd_author_approval' 
3 3 'Structure model' '_exptl_crystal_grow.temp'                    
4 4 'Structure model' '_database_2.pdbx_DOI'                        
5 4 'Structure model' '_database_2.pdbx_database_accession'         
6 4 'Structure model' '_pdbx_database_status.status_code_sf'        
# 
loop_
_software.name 
_software.classification 
_software.version 
_software.citation_id 
_software.pdbx_ordinal 
PHENIX    refinement       '(PHENIX.REFINE)' ? 1 
DENZO     'data reduction' .                 ? 2 
SCALEPACK 'data scaling'   .                 ? 3 
AMoRE     phasing          .                 ? 4 
# 
_pdbx_entry_details.entry_id                 2Y90 
_pdbx_entry_details.compound_details         ? 
_pdbx_entry_details.source_details           ? 
_pdbx_entry_details.nonpolymer_details       ? 
_pdbx_entry_details.sequence_details         
;TWO AMINO ACIDS ADDED IN N-TERMINUS AND PROBABLE
PROTEOLYTIC DEGRADATION AFTER RESIDUE 69. RESIDUES 70-102 ARE
EITHER DISORDERED IN THE CRYSTAL OR ABSENT DUE TO PROTEOLYSIS.
;
_pdbx_entry_details.has_ligand_of_interest   ? 
# 
_pdbx_validate_torsion.id              1 
_pdbx_validate_torsion.PDB_model_num   1 
_pdbx_validate_torsion.auth_comp_id    ASN 
_pdbx_validate_torsion.auth_asym_id    A 
_pdbx_validate_torsion.auth_seq_id     48 
_pdbx_validate_torsion.PDB_ins_code    ? 
_pdbx_validate_torsion.label_alt_id    ? 
_pdbx_validate_torsion.phi             -128.19 
_pdbx_validate_torsion.psi             -117.47 
# 
loop_
_pdbx_unobs_or_zero_occ_residues.id 
_pdbx_unobs_or_zero_occ_residues.PDB_model_num 
_pdbx_unobs_or_zero_occ_residues.polymer_flag 
_pdbx_unobs_or_zero_occ_residues.occupancy_flag 
_pdbx_unobs_or_zero_occ_residues.auth_asym_id 
_pdbx_unobs_or_zero_occ_residues.auth_comp_id 
_pdbx_unobs_or_zero_occ_residues.auth_seq_id 
_pdbx_unobs_or_zero_occ_residues.PDB_ins_code 
_pdbx_unobs_or_zero_occ_residues.label_asym_id 
_pdbx_unobs_or_zero_occ_residues.label_comp_id 
_pdbx_unobs_or_zero_occ_residues.label_seq_id 
1  1 Y 1 A GLY -1  ? A GLY 1   
2  1 Y 1 A ALA 0   ? A ALA 2   
3  1 Y 1 A MET 1   ? A MET 3   
4  1 Y 1 A ALA 2   ? A ALA 4   
5  1 Y 1 A LYS 3   ? A LYS 5   
6  1 Y 1 A GLY 4   ? A GLY 6   
7  1 Y 1 A GLN 5   ? A GLN 7   
8  1 Y 1 A HIS 70  ? A HIS 72  
9  1 Y 1 A HIS 71  ? A HIS 73  
10 1 Y 1 A SER 72  ? A SER 74  
11 1 Y 1 A ASN 73  ? A ASN 75  
12 1 Y 1 A ASN 74  ? A ASN 76  
13 1 Y 1 A ALA 75  ? A ALA 77  
14 1 Y 1 A GLY 76  ? A GLY 78  
15 1 Y 1 A GLY 77  ? A GLY 79  
16 1 Y 1 A GLY 78  ? A GLY 80  
17 1 Y 1 A THR 79  ? A THR 81  
18 1 Y 1 A SER 80  ? A SER 82  
19 1 Y 1 A SER 81  ? A SER 83  
20 1 Y 1 A ASN 82  ? A ASN 84  
21 1 Y 1 A TYR 83  ? A TYR 85  
22 1 Y 1 A HIS 84  ? A HIS 86  
23 1 Y 1 A HIS 85  ? A HIS 87  
24 1 Y 1 A GLY 86  ? A GLY 88  
25 1 Y 1 A SER 87  ? A SER 89  
26 1 Y 1 A SER 88  ? A SER 90  
27 1 Y 1 A ALA 89  ? A ALA 91  
28 1 Y 1 A GLN 90  ? A GLN 92  
29 1 Y 1 A ASN 91  ? A ASN 93  
30 1 Y 1 A THR 92  ? A THR 94  
31 1 Y 1 A SER 93  ? A SER 95  
32 1 Y 1 A ALA 94  ? A ALA 96  
33 1 Y 1 A GLN 95  ? A GLN 97  
34 1 Y 1 A GLN 96  ? A GLN 98  
35 1 Y 1 A ASP 97  ? A ASP 99  
36 1 Y 1 A SER 98  ? A SER 100 
37 1 Y 1 A GLU 99  ? A GLU 101 
38 1 Y 1 A GLU 100 ? A GLU 102 
39 1 Y 1 A THR 101 ? A THR 103 
40 1 Y 1 A GLU 102 ? A GLU 104 
# 
loop_
_chem_comp_atom.comp_id 
_chem_comp_atom.atom_id 
_chem_comp_atom.type_symbol 
_chem_comp_atom.pdbx_aromatic_flag 
_chem_comp_atom.pdbx_stereo_config 
_chem_comp_atom.pdbx_ordinal 
ALA N    N N N 1   
ALA CA   C N S 2   
ALA C    C N N 3   
ALA O    O N N 4   
ALA CB   C N N 5   
ALA OXT  O N N 6   
ALA H    H N N 7   
ALA H2   H N N 8   
ALA HA   H N N 9   
ALA HB1  H N N 10  
ALA HB2  H N N 11  
ALA HB3  H N N 12  
ALA HXT  H N N 13  
ARG N    N N N 14  
ARG CA   C N S 15  
ARG C    C N N 16  
ARG O    O N N 17  
ARG CB   C N N 18  
ARG CG   C N N 19  
ARG CD   C N N 20  
ARG NE   N N N 21  
ARG CZ   C N N 22  
ARG NH1  N N N 23  
ARG NH2  N N N 24  
ARG OXT  O N N 25  
ARG H    H N N 26  
ARG H2   H N N 27  
ARG HA   H N N 28  
ARG HB2  H N N 29  
ARG HB3  H N N 30  
ARG HG2  H N N 31  
ARG HG3  H N N 32  
ARG HD2  H N N 33  
ARG HD3  H N N 34  
ARG HE   H N N 35  
ARG HH11 H N N 36  
ARG HH12 H N N 37  
ARG HH21 H N N 38  
ARG HH22 H N N 39  
ARG HXT  H N N 40  
ASN N    N N N 41  
ASN CA   C N S 42  
ASN C    C N N 43  
ASN O    O N N 44  
ASN CB   C N N 45  
ASN CG   C N N 46  
ASN OD1  O N N 47  
ASN ND2  N N N 48  
ASN OXT  O N N 49  
ASN H    H N N 50  
ASN H2   H N N 51  
ASN HA   H N N 52  
ASN HB2  H N N 53  
ASN HB3  H N N 54  
ASN HD21 H N N 55  
ASN HD22 H N N 56  
ASN HXT  H N N 57  
ASP N    N N N 58  
ASP CA   C N S 59  
ASP C    C N N 60  
ASP O    O N N 61  
ASP CB   C N N 62  
ASP CG   C N N 63  
ASP OD1  O N N 64  
ASP OD2  O N N 65  
ASP OXT  O N N 66  
ASP H    H N N 67  
ASP H2   H N N 68  
ASP HA   H N N 69  
ASP HB2  H N N 70  
ASP HB3  H N N 71  
ASP HD2  H N N 72  
ASP HXT  H N N 73  
GLN N    N N N 74  
GLN CA   C N S 75  
GLN C    C N N 76  
GLN O    O N N 77  
GLN CB   C N N 78  
GLN CG   C N N 79  
GLN CD   C N N 80  
GLN OE1  O N N 81  
GLN NE2  N N N 82  
GLN OXT  O N N 83  
GLN H    H N N 84  
GLN H2   H N N 85  
GLN HA   H N N 86  
GLN HB2  H N N 87  
GLN HB3  H N N 88  
GLN HG2  H N N 89  
GLN HG3  H N N 90  
GLN HE21 H N N 91  
GLN HE22 H N N 92  
GLN HXT  H N N 93  
GLU N    N N N 94  
GLU CA   C N S 95  
GLU C    C N N 96  
GLU O    O N N 97  
GLU CB   C N N 98  
GLU CG   C N N 99  
GLU CD   C N N 100 
GLU OE1  O N N 101 
GLU OE2  O N N 102 
GLU OXT  O N N 103 
GLU H    H N N 104 
GLU H2   H N N 105 
GLU HA   H N N 106 
GLU HB2  H N N 107 
GLU HB3  H N N 108 
GLU HG2  H N N 109 
GLU HG3  H N N 110 
GLU HE2  H N N 111 
GLU HXT  H N N 112 
GLY N    N N N 113 
GLY CA   C N N 114 
GLY C    C N N 115 
GLY O    O N N 116 
GLY OXT  O N N 117 
GLY H    H N N 118 
GLY H2   H N N 119 
GLY HA2  H N N 120 
GLY HA3  H N N 121 
GLY HXT  H N N 122 
HIS N    N N N 123 
HIS CA   C N S 124 
HIS C    C N N 125 
HIS O    O N N 126 
HIS CB   C N N 127 
HIS CG   C Y N 128 
HIS ND1  N Y N 129 
HIS CD2  C Y N 130 
HIS CE1  C Y N 131 
HIS NE2  N Y N 132 
HIS OXT  O N N 133 
HIS H    H N N 134 
HIS H2   H N N 135 
HIS HA   H N N 136 
HIS HB2  H N N 137 
HIS HB3  H N N 138 
HIS HD1  H N N 139 
HIS HD2  H N N 140 
HIS HE1  H N N 141 
HIS HE2  H N N 142 
HIS HXT  H N N 143 
HOH O    O N N 144 
HOH H1   H N N 145 
HOH H2   H N N 146 
ILE N    N N N 147 
ILE CA   C N S 148 
ILE C    C N N 149 
ILE O    O N N 150 
ILE CB   C N S 151 
ILE CG1  C N N 152 
ILE CG2  C N N 153 
ILE CD1  C N N 154 
ILE OXT  O N N 155 
ILE H    H N N 156 
ILE H2   H N N 157 
ILE HA   H N N 158 
ILE HB   H N N 159 
ILE HG12 H N N 160 
ILE HG13 H N N 161 
ILE HG21 H N N 162 
ILE HG22 H N N 163 
ILE HG23 H N N 164 
ILE HD11 H N N 165 
ILE HD12 H N N 166 
ILE HD13 H N N 167 
ILE HXT  H N N 168 
LEU N    N N N 169 
LEU CA   C N S 170 
LEU C    C N N 171 
LEU O    O N N 172 
LEU CB   C N N 173 
LEU CG   C N N 174 
LEU CD1  C N N 175 
LEU CD2  C N N 176 
LEU OXT  O N N 177 
LEU H    H N N 178 
LEU H2   H N N 179 
LEU HA   H N N 180 
LEU HB2  H N N 181 
LEU HB3  H N N 182 
LEU HG   H N N 183 
LEU HD11 H N N 184 
LEU HD12 H N N 185 
LEU HD13 H N N 186 
LEU HD21 H N N 187 
LEU HD22 H N N 188 
LEU HD23 H N N 189 
LEU HXT  H N N 190 
LYS N    N N N 191 
LYS CA   C N S 192 
LYS C    C N N 193 
LYS O    O N N 194 
LYS CB   C N N 195 
LYS CG   C N N 196 
LYS CD   C N N 197 
LYS CE   C N N 198 
LYS NZ   N N N 199 
LYS OXT  O N N 200 
LYS H    H N N 201 
LYS H2   H N N 202 
LYS HA   H N N 203 
LYS HB2  H N N 204 
LYS HB3  H N N 205 
LYS HG2  H N N 206 
LYS HG3  H N N 207 
LYS HD2  H N N 208 
LYS HD3  H N N 209 
LYS HE2  H N N 210 
LYS HE3  H N N 211 
LYS HZ1  H N N 212 
LYS HZ2  H N N 213 
LYS HZ3  H N N 214 
LYS HXT  H N N 215 
MET N    N N N 216 
MET CA   C N S 217 
MET C    C N N 218 
MET O    O N N 219 
MET CB   C N N 220 
MET CG   C N N 221 
MET SD   S N N 222 
MET CE   C N N 223 
MET OXT  O N N 224 
MET H    H N N 225 
MET H2   H N N 226 
MET HA   H N N 227 
MET HB2  H N N 228 
MET HB3  H N N 229 
MET HG2  H N N 230 
MET HG3  H N N 231 
MET HE1  H N N 232 
MET HE2  H N N 233 
MET HE3  H N N 234 
MET HXT  H N N 235 
PHE N    N N N 236 
PHE CA   C N S 237 
PHE C    C N N 238 
PHE O    O N N 239 
PHE CB   C N N 240 
PHE CG   C Y N 241 
PHE CD1  C Y N 242 
PHE CD2  C Y N 243 
PHE CE1  C Y N 244 
PHE CE2  C Y N 245 
PHE CZ   C Y N 246 
PHE OXT  O N N 247 
PHE H    H N N 248 
PHE H2   H N N 249 
PHE HA   H N N 250 
PHE HB2  H N N 251 
PHE HB3  H N N 252 
PHE HD1  H N N 253 
PHE HD2  H N N 254 
PHE HE1  H N N 255 
PHE HE2  H N N 256 
PHE HZ   H N N 257 
PHE HXT  H N N 258 
PRO N    N N N 259 
PRO CA   C N S 260 
PRO C    C N N 261 
PRO O    O N N 262 
PRO CB   C N N 263 
PRO CG   C N N 264 
PRO CD   C N N 265 
PRO OXT  O N N 266 
PRO H    H N N 267 
PRO HA   H N N 268 
PRO HB2  H N N 269 
PRO HB3  H N N 270 
PRO HG2  H N N 271 
PRO HG3  H N N 272 
PRO HD2  H N N 273 
PRO HD3  H N N 274 
PRO HXT  H N N 275 
SER N    N N N 276 
SER CA   C N S 277 
SER C    C N N 278 
SER O    O N N 279 
SER CB   C N N 280 
SER OG   O N N 281 
SER OXT  O N N 282 
SER H    H N N 283 
SER H2   H N N 284 
SER HA   H N N 285 
SER HB2  H N N 286 
SER HB3  H N N 287 
SER HG   H N N 288 
SER HXT  H N N 289 
THR N    N N N 290 
THR CA   C N S 291 
THR C    C N N 292 
THR O    O N N 293 
THR CB   C N R 294 
THR OG1  O N N 295 
THR CG2  C N N 296 
THR OXT  O N N 297 
THR H    H N N 298 
THR H2   H N N 299 
THR HA   H N N 300 
THR HB   H N N 301 
THR HG1  H N N 302 
THR HG21 H N N 303 
THR HG22 H N N 304 
THR HG23 H N N 305 
THR HXT  H N N 306 
TYR N    N N N 307 
TYR CA   C N S 308 
TYR C    C N N 309 
TYR O    O N N 310 
TYR CB   C N N 311 
TYR CG   C Y N 312 
TYR CD1  C Y N 313 
TYR CD2  C Y N 314 
TYR CE1  C Y N 315 
TYR CE2  C Y N 316 
TYR CZ   C Y N 317 
TYR OH   O N N 318 
TYR OXT  O N N 319 
TYR H    H N N 320 
TYR H2   H N N 321 
TYR HA   H N N 322 
TYR HB2  H N N 323 
TYR HB3  H N N 324 
TYR HD1  H N N 325 
TYR HD2  H N N 326 
TYR HE1  H N N 327 
TYR HE2  H N N 328 
TYR HH   H N N 329 
TYR HXT  H N N 330 
VAL N    N N N 331 
VAL CA   C N S 332 
VAL C    C N N 333 
VAL O    O N N 334 
VAL CB   C N N 335 
VAL CG1  C N N 336 
VAL CG2  C N N 337 
VAL OXT  O N N 338 
VAL H    H N N 339 
VAL H2   H N N 340 
VAL HA   H N N 341 
VAL HB   H N N 342 
VAL HG11 H N N 343 
VAL HG12 H N N 344 
VAL HG13 H N N 345 
VAL HG21 H N N 346 
VAL HG22 H N N 347 
VAL HG23 H N N 348 
VAL HXT  H N N 349 
# 
loop_
_chem_comp_bond.comp_id 
_chem_comp_bond.atom_id_1 
_chem_comp_bond.atom_id_2 
_chem_comp_bond.value_order 
_chem_comp_bond.pdbx_aromatic_flag 
_chem_comp_bond.pdbx_stereo_config 
_chem_comp_bond.pdbx_ordinal 
ALA N   CA   sing N N 1   
ALA N   H    sing N N 2   
ALA N   H2   sing N N 3   
ALA CA  C    sing N N 4   
ALA CA  CB   sing N N 5   
ALA CA  HA   sing N N 6   
ALA C   O    doub N N 7   
ALA C   OXT  sing N N 8   
ALA CB  HB1  sing N N 9   
ALA CB  HB2  sing N N 10  
ALA CB  HB3  sing N N 11  
ALA OXT HXT  sing N N 12  
ARG N   CA   sing N N 13  
ARG N   H    sing N N 14  
ARG N   H2   sing N N 15  
ARG CA  C    sing N N 16  
ARG CA  CB   sing N N 17  
ARG CA  HA   sing N N 18  
ARG C   O    doub N N 19  
ARG C   OXT  sing N N 20  
ARG CB  CG   sing N N 21  
ARG CB  HB2  sing N N 22  
ARG CB  HB3  sing N N 23  
ARG CG  CD   sing N N 24  
ARG CG  HG2  sing N N 25  
ARG CG  HG3  sing N N 26  
ARG CD  NE   sing N N 27  
ARG CD  HD2  sing N N 28  
ARG CD  HD3  sing N N 29  
ARG NE  CZ   sing N N 30  
ARG NE  HE   sing N N 31  
ARG CZ  NH1  sing N N 32  
ARG CZ  NH2  doub N N 33  
ARG NH1 HH11 sing N N 34  
ARG NH1 HH12 sing N N 35  
ARG NH2 HH21 sing N N 36  
ARG NH2 HH22 sing N N 37  
ARG OXT HXT  sing N N 38  
ASN N   CA   sing N N 39  
ASN N   H    sing N N 40  
ASN N   H2   sing N N 41  
ASN CA  C    sing N N 42  
ASN CA  CB   sing N N 43  
ASN CA  HA   sing N N 44  
ASN C   O    doub N N 45  
ASN C   OXT  sing N N 46  
ASN CB  CG   sing N N 47  
ASN CB  HB2  sing N N 48  
ASN CB  HB3  sing N N 49  
ASN CG  OD1  doub N N 50  
ASN CG  ND2  sing N N 51  
ASN ND2 HD21 sing N N 52  
ASN ND2 HD22 sing N N 53  
ASN OXT HXT  sing N N 54  
ASP N   CA   sing N N 55  
ASP N   H    sing N N 56  
ASP N   H2   sing N N 57  
ASP CA  C    sing N N 58  
ASP CA  CB   sing N N 59  
ASP CA  HA   sing N N 60  
ASP C   O    doub N N 61  
ASP C   OXT  sing N N 62  
ASP CB  CG   sing N N 63  
ASP CB  HB2  sing N N 64  
ASP CB  HB3  sing N N 65  
ASP CG  OD1  doub N N 66  
ASP CG  OD2  sing N N 67  
ASP OD2 HD2  sing N N 68  
ASP OXT HXT  sing N N 69  
GLN N   CA   sing N N 70  
GLN N   H    sing N N 71  
GLN N   H2   sing N N 72  
GLN CA  C    sing N N 73  
GLN CA  CB   sing N N 74  
GLN CA  HA   sing N N 75  
GLN C   O    doub N N 76  
GLN C   OXT  sing N N 77  
GLN CB  CG   sing N N 78  
GLN CB  HB2  sing N N 79  
GLN CB  HB3  sing N N 80  
GLN CG  CD   sing N N 81  
GLN CG  HG2  sing N N 82  
GLN CG  HG3  sing N N 83  
GLN CD  OE1  doub N N 84  
GLN CD  NE2  sing N N 85  
GLN NE2 HE21 sing N N 86  
GLN NE2 HE22 sing N N 87  
GLN OXT HXT  sing N N 88  
GLU N   CA   sing N N 89  
GLU N   H    sing N N 90  
GLU N   H2   sing N N 91  
GLU CA  C    sing N N 92  
GLU CA  CB   sing N N 93  
GLU CA  HA   sing N N 94  
GLU C   O    doub N N 95  
GLU C   OXT  sing N N 96  
GLU CB  CG   sing N N 97  
GLU CB  HB2  sing N N 98  
GLU CB  HB3  sing N N 99  
GLU CG  CD   sing N N 100 
GLU CG  HG2  sing N N 101 
GLU CG  HG3  sing N N 102 
GLU CD  OE1  doub N N 103 
GLU CD  OE2  sing N N 104 
GLU OE2 HE2  sing N N 105 
GLU OXT HXT  sing N N 106 
GLY N   CA   sing N N 107 
GLY N   H    sing N N 108 
GLY N   H2   sing N N 109 
GLY CA  C    sing N N 110 
GLY CA  HA2  sing N N 111 
GLY CA  HA3  sing N N 112 
GLY C   O    doub N N 113 
GLY C   OXT  sing N N 114 
GLY OXT HXT  sing N N 115 
HIS N   CA   sing N N 116 
HIS N   H    sing N N 117 
HIS N   H2   sing N N 118 
HIS CA  C    sing N N 119 
HIS CA  CB   sing N N 120 
HIS CA  HA   sing N N 121 
HIS C   O    doub N N 122 
HIS C   OXT  sing N N 123 
HIS CB  CG   sing N N 124 
HIS CB  HB2  sing N N 125 
HIS CB  HB3  sing N N 126 
HIS CG  ND1  sing Y N 127 
HIS CG  CD2  doub Y N 128 
HIS ND1 CE1  doub Y N 129 
HIS ND1 HD1  sing N N 130 
HIS CD2 NE2  sing Y N 131 
HIS CD2 HD2  sing N N 132 
HIS CE1 NE2  sing Y N 133 
HIS CE1 HE1  sing N N 134 
HIS NE2 HE2  sing N N 135 
HIS OXT HXT  sing N N 136 
HOH O   H1   sing N N 137 
HOH O   H2   sing N N 138 
ILE N   CA   sing N N 139 
ILE N   H    sing N N 140 
ILE N   H2   sing N N 141 
ILE CA  C    sing N N 142 
ILE CA  CB   sing N N 143 
ILE CA  HA   sing N N 144 
ILE C   O    doub N N 145 
ILE C   OXT  sing N N 146 
ILE CB  CG1  sing N N 147 
ILE CB  CG2  sing N N 148 
ILE CB  HB   sing N N 149 
ILE CG1 CD1  sing N N 150 
ILE CG1 HG12 sing N N 151 
ILE CG1 HG13 sing N N 152 
ILE CG2 HG21 sing N N 153 
ILE CG2 HG22 sing N N 154 
ILE CG2 HG23 sing N N 155 
ILE CD1 HD11 sing N N 156 
ILE CD1 HD12 sing N N 157 
ILE CD1 HD13 sing N N 158 
ILE OXT HXT  sing N N 159 
LEU N   CA   sing N N 160 
LEU N   H    sing N N 161 
LEU N   H2   sing N N 162 
LEU CA  C    sing N N 163 
LEU CA  CB   sing N N 164 
LEU CA  HA   sing N N 165 
LEU C   O    doub N N 166 
LEU C   OXT  sing N N 167 
LEU CB  CG   sing N N 168 
LEU CB  HB2  sing N N 169 
LEU CB  HB3  sing N N 170 
LEU CG  CD1  sing N N 171 
LEU CG  CD2  sing N N 172 
LEU CG  HG   sing N N 173 
LEU CD1 HD11 sing N N 174 
LEU CD1 HD12 sing N N 175 
LEU CD1 HD13 sing N N 176 
LEU CD2 HD21 sing N N 177 
LEU CD2 HD22 sing N N 178 
LEU CD2 HD23 sing N N 179 
LEU OXT HXT  sing N N 180 
LYS N   CA   sing N N 181 
LYS N   H    sing N N 182 
LYS N   H2   sing N N 183 
LYS CA  C    sing N N 184 
LYS CA  CB   sing N N 185 
LYS CA  HA   sing N N 186 
LYS C   O    doub N N 187 
LYS C   OXT  sing N N 188 
LYS CB  CG   sing N N 189 
LYS CB  HB2  sing N N 190 
LYS CB  HB3  sing N N 191 
LYS CG  CD   sing N N 192 
LYS CG  HG2  sing N N 193 
LYS CG  HG3  sing N N 194 
LYS CD  CE   sing N N 195 
LYS CD  HD2  sing N N 196 
LYS CD  HD3  sing N N 197 
LYS CE  NZ   sing N N 198 
LYS CE  HE2  sing N N 199 
LYS CE  HE3  sing N N 200 
LYS NZ  HZ1  sing N N 201 
LYS NZ  HZ2  sing N N 202 
LYS NZ  HZ3  sing N N 203 
LYS OXT HXT  sing N N 204 
MET N   CA   sing N N 205 
MET N   H    sing N N 206 
MET N   H2   sing N N 207 
MET CA  C    sing N N 208 
MET CA  CB   sing N N 209 
MET CA  HA   sing N N 210 
MET C   O    doub N N 211 
MET C   OXT  sing N N 212 
MET CB  CG   sing N N 213 
MET CB  HB2  sing N N 214 
MET CB  HB3  sing N N 215 
MET CG  SD   sing N N 216 
MET CG  HG2  sing N N 217 
MET CG  HG3  sing N N 218 
MET SD  CE   sing N N 219 
MET CE  HE1  sing N N 220 
MET CE  HE2  sing N N 221 
MET CE  HE3  sing N N 222 
MET OXT HXT  sing N N 223 
PHE N   CA   sing N N 224 
PHE N   H    sing N N 225 
PHE N   H2   sing N N 226 
PHE CA  C    sing N N 227 
PHE CA  CB   sing N N 228 
PHE CA  HA   sing N N 229 
PHE C   O    doub N N 230 
PHE C   OXT  sing N N 231 
PHE CB  CG   sing N N 232 
PHE CB  HB2  sing N N 233 
PHE CB  HB3  sing N N 234 
PHE CG  CD1  doub Y N 235 
PHE CG  CD2  sing Y N 236 
PHE CD1 CE1  sing Y N 237 
PHE CD1 HD1  sing N N 238 
PHE CD2 CE2  doub Y N 239 
PHE CD2 HD2  sing N N 240 
PHE CE1 CZ   doub Y N 241 
PHE CE1 HE1  sing N N 242 
PHE CE2 CZ   sing Y N 243 
PHE CE2 HE2  sing N N 244 
PHE CZ  HZ   sing N N 245 
PHE OXT HXT  sing N N 246 
PRO N   CA   sing N N 247 
PRO N   CD   sing N N 248 
PRO N   H    sing N N 249 
PRO CA  C    sing N N 250 
PRO CA  CB   sing N N 251 
PRO CA  HA   sing N N 252 
PRO C   O    doub N N 253 
PRO C   OXT  sing N N 254 
PRO CB  CG   sing N N 255 
PRO CB  HB2  sing N N 256 
PRO CB  HB3  sing N N 257 
PRO CG  CD   sing N N 258 
PRO CG  HG2  sing N N 259 
PRO CG  HG3  sing N N 260 
PRO CD  HD2  sing N N 261 
PRO CD  HD3  sing N N 262 
PRO OXT HXT  sing N N 263 
SER N   CA   sing N N 264 
SER N   H    sing N N 265 
SER N   H2   sing N N 266 
SER CA  C    sing N N 267 
SER CA  CB   sing N N 268 
SER CA  HA   sing N N 269 
SER C   O    doub N N 270 
SER C   OXT  sing N N 271 
SER CB  OG   sing N N 272 
SER CB  HB2  sing N N 273 
SER CB  HB3  sing N N 274 
SER OG  HG   sing N N 275 
SER OXT HXT  sing N N 276 
THR N   CA   sing N N 277 
THR N   H    sing N N 278 
THR N   H2   sing N N 279 
THR CA  C    sing N N 280 
THR CA  CB   sing N N 281 
THR CA  HA   sing N N 282 
THR C   O    doub N N 283 
THR C   OXT  sing N N 284 
THR CB  OG1  sing N N 285 
THR CB  CG2  sing N N 286 
THR CB  HB   sing N N 287 
THR OG1 HG1  sing N N 288 
THR CG2 HG21 sing N N 289 
THR CG2 HG22 sing N N 290 
THR CG2 HG23 sing N N 291 
THR OXT HXT  sing N N 292 
TYR N   CA   sing N N 293 
TYR N   H    sing N N 294 
TYR N   H2   sing N N 295 
TYR CA  C    sing N N 296 
TYR CA  CB   sing N N 297 
TYR CA  HA   sing N N 298 
TYR C   O    doub N N 299 
TYR C   OXT  sing N N 300 
TYR CB  CG   sing N N 301 
TYR CB  HB2  sing N N 302 
TYR CB  HB3  sing N N 303 
TYR CG  CD1  doub Y N 304 
TYR CG  CD2  sing Y N 305 
TYR CD1 CE1  sing Y N 306 
TYR CD1 HD1  sing N N 307 
TYR CD2 CE2  doub Y N 308 
TYR CD2 HD2  sing N N 309 
TYR CE1 CZ   doub Y N 310 
TYR CE1 HE1  sing N N 311 
TYR CE2 CZ   sing Y N 312 
TYR CE2 HE2  sing N N 313 
TYR CZ  OH   sing N N 314 
TYR OH  HH   sing N N 315 
TYR OXT HXT  sing N N 316 
VAL N   CA   sing N N 317 
VAL N   H    sing N N 318 
VAL N   H2   sing N N 319 
VAL CA  C    sing N N 320 
VAL CA  CB   sing N N 321 
VAL CA  HA   sing N N 322 
VAL C   O    doub N N 323 
VAL C   OXT  sing N N 324 
VAL CB  CG1  sing N N 325 
VAL CB  CG2  sing N N 326 
VAL CB  HB   sing N N 327 
VAL CG1 HG11 sing N N 328 
VAL CG1 HG12 sing N N 329 
VAL CG1 HG13 sing N N 330 
VAL CG2 HG21 sing N N 331 
VAL CG2 HG22 sing N N 332 
VAL CG2 HG23 sing N N 333 
VAL OXT HXT  sing N N 334 
# 
_pdbx_entity_nonpoly.entity_id   2 
_pdbx_entity_nonpoly.name        water 
_pdbx_entity_nonpoly.comp_id     HOH 
# 
_pdbx_initial_refinement_model.id               1 
_pdbx_initial_refinement_model.entity_id_list   ? 
_pdbx_initial_refinement_model.type             'experimental model' 
_pdbx_initial_refinement_model.source_name      PDB 
_pdbx_initial_refinement_model.accession_code   1HK9 
_pdbx_initial_refinement_model.details          'PDB ENTRY 1HK9' 
# 
_pdbx_reflns_twin.domain_id    1 
_pdbx_reflns_twin.crystal_id   1 
_pdbx_reflns_twin.diffrn_id    1 
_pdbx_reflns_twin.type         ? 
_pdbx_reflns_twin.operator     h,-h-k,-l 
_pdbx_reflns_twin.fraction     0.313 
# 
